data_1N92
#
_entry.id   1N92
#
_cell.length_a   44.200
_cell.length_b   51.050
_cell.length_c   93.230
_cell.angle_alpha   78.96
_cell.angle_beta   75.47
_cell.angle_gamma   70.24
#
_symmetry.space_group_name_H-M   'P 1'
#
loop_
_entity.id
_entity.type
_entity.pdbx_description
1 polymer 'Alcohol Dehydrogenase E chain'
2 non-polymer 'ZINC ION'
3 non-polymer 'NICOTINAMIDE-ADENINE-DINUCLEOTIDE (ACIDIC FORM)'
4 non-polymer 4-IODOPYRAZOLE
5 non-polymer (4S)-2-METHYL-2,4-PENTANEDIOL
6 water water
#
_entity_poly.entity_id   1
_entity_poly.type   'polypeptide(L)'
_entity_poly.pdbx_seq_one_letter_code
;STAGKVIKCKAAVLWEEKKPFSIEEVEVAPPKAHEVRIKMVATGICRSDDHVVSGTLVTPLPVIAGHEAAGIVESIGEGV
TTVRPGDKVIPLFTPQCGKCRVCKHPEGNFCLKNDLSMPRGTMQDGTSRFTCRGKPIHHFLGTSTFSQYTVVDEISVAKI
DAASPLEKVCLIGCGFSTGYGSAVKVAKVTQGSTCAVFGLGGVGLSVIMGCKAAGAARIIGVDINKDKFAKAKEVGATEC
VNPQDYKKPIQEVLTEMSNGGVDFSFEVIGRLDTMVTALSCCQEAYGVSVIVGVPPDSQNLSMNPMLLLSGRTWKGAIFG
GFKSKDSVPKLVADFMAKKFALDPLITHVLPFEKINEGFDLLRSGESIRTILTF
;
_entity_poly.pdbx_strand_id   A,B
#
loop_
_chem_comp.id
_chem_comp.type
_chem_comp.name
_chem_comp.formula
MPD non-polymer (4S)-2-METHYL-2,4-PENTANEDIOL 'C6 H14 O2'
NAJ non-polymer 'NICOTINAMIDE-ADENINE-DINUCLEOTIDE (ACIDIC FORM)' 'C21 H27 N7 O14 P2'
PYZ non-polymer 4-IODOPYRAZOLE 'C3 H3 I N2'
ZN non-polymer 'ZINC ION' 'Zn 2'
#
# COMPACT_ATOMS: atom_id res chain seq x y z
N SER A 1 30.72 40.79 8.53
CA SER A 1 30.44 41.97 7.65
C SER A 1 28.97 42.08 7.20
N THR A 2 28.27 40.94 7.13
CA THR A 2 26.82 40.99 6.82
C THR A 2 25.92 40.59 7.98
N ALA A 3 26.48 39.96 9.00
CA ALA A 3 25.69 39.49 10.13
C ALA A 3 24.85 40.63 10.72
N GLY A 4 23.59 40.35 10.99
CA GLY A 4 22.64 41.29 11.57
C GLY A 4 22.07 42.30 10.59
N LYS A 5 22.55 42.23 9.35
CA LYS A 5 22.18 43.20 8.34
C LYS A 5 21.38 42.57 7.23
N VAL A 6 20.51 43.36 6.62
CA VAL A 6 19.86 42.98 5.37
C VAL A 6 20.91 42.79 4.25
N ILE A 7 20.85 41.66 3.57
CA ILE A 7 21.70 41.43 2.43
C ILE A 7 20.96 41.70 1.14
N LYS A 8 21.57 42.49 0.23
CA LYS A 8 21.04 42.57 -1.12
C LYS A 8 21.84 41.65 -1.98
N CYS A 9 21.13 40.76 -2.67
CA CYS A 9 21.79 39.78 -3.53
C CYS A 9 20.91 39.38 -4.72
N LYS A 10 21.49 38.54 -5.57
CA LYS A 10 20.81 38.00 -6.72
C LYS A 10 20.00 36.75 -6.37
N ALA A 11 18.77 36.72 -6.84
CA ALA A 11 17.95 35.51 -6.76
C ALA A 11 17.15 35.29 -8.05
N ALA A 12 16.57 34.10 -8.19
CA ALA A 12 15.76 33.81 -9.36
C ALA A 12 14.32 33.82 -8.85
N VAL A 13 13.57 34.87 -9.19
CA VAL A 13 12.21 35.04 -8.68
C VAL A 13 11.21 34.54 -9.73
N LEU A 14 10.22 33.74 -9.32
CA LEU A 14 9.16 33.35 -10.23
C LEU A 14 7.92 34.19 -9.92
N TRP A 15 7.62 35.16 -10.77
CA TRP A 15 6.52 36.10 -10.50
C TRP A 15 5.13 35.51 -10.78
N GLU A 16 5.05 34.56 -11.71
CA GLU A 16 3.78 33.93 -12.06
C GLU A 16 4.06 32.62 -12.78
N GLU A 17 3.05 31.77 -12.86
CA GLU A 17 3.23 30.45 -13.47
C GLU A 17 3.57 30.61 -14.95
N LYS A 18 4.26 29.62 -15.51
CA LYS A 18 4.44 29.50 -16.96
C LYS A 18 5.21 30.69 -17.54
N LYS A 19 6.14 31.19 -16.74
CA LYS A 19 7.09 32.24 -17.13
C LYS A 19 8.53 31.86 -16.77
N PRO A 20 9.50 32.37 -17.51
CA PRO A 20 10.90 32.22 -17.10
C PRO A 20 11.13 32.78 -15.68
N PHE A 21 12.17 32.30 -15.01
CA PHE A 21 12.60 32.91 -13.77
C PHE A 21 13.18 34.27 -14.08
N SER A 22 12.97 35.25 -13.20
CA SER A 22 13.60 36.57 -13.32
C SER A 22 14.80 36.68 -12.37
N ILE A 23 16.00 36.82 -12.94
CA ILE A 23 17.22 36.95 -12.17
C ILE A 23 17.43 38.40 -11.75
N GLU A 24 17.15 38.71 -10.51
CA GLU A 24 17.28 40.10 -10.08
C GLU A 24 17.64 40.24 -8.63
N GLU A 25 17.77 41.49 -8.17
CA GLU A 25 18.21 41.78 -6.84
C GLU A 25 17.03 41.62 -5.86
N VAL A 26 17.29 40.92 -4.77
CA VAL A 26 16.32 40.77 -3.66
C VAL A 26 16.98 41.19 -2.36
N GLU A 27 16.15 41.52 -1.38
CA GLU A 27 16.65 41.77 -0.04
C GLU A 27 16.33 40.58 0.87
N VAL A 28 17.37 40.11 1.55
CA VAL A 28 17.30 38.97 2.47
C VAL A 28 17.50 39.43 3.90
N ALA A 29 16.44 39.36 4.71
CA ALA A 29 16.50 39.81 6.09
C ALA A 29 17.46 38.93 6.85
N PRO A 30 18.01 39.44 7.95
CA PRO A 30 18.81 38.59 8.84
C PRO A 30 17.92 37.55 9.55
N PRO A 31 18.53 36.44 9.97
CA PRO A 31 17.78 35.39 10.66
C PRO A 31 17.30 35.82 12.03
N LYS A 32 16.04 35.49 12.30
CA LYS A 32 15.44 35.68 13.61
C LYS A 32 15.79 34.49 14.50
N ALA A 33 15.21 34.42 15.70
CA ALA A 33 15.54 33.31 16.59
C ALA A 33 15.34 31.96 15.87
N HIS A 34 16.29 31.06 16.08
CA HIS A 34 16.18 29.69 15.57
C HIS A 34 16.13 29.62 14.05
N GLU A 35 16.72 30.62 13.38
CA GLU A 35 16.86 30.66 11.92
C GLU A 35 18.31 30.74 11.50
N VAL A 36 18.59 30.33 10.26
CA VAL A 36 19.96 30.24 9.73
C VAL A 36 20.00 30.88 8.37
N ARG A 37 20.94 31.80 8.14
CA ARG A 37 21.11 32.41 6.83
C ARG A 37 22.31 31.76 6.14
N ILE A 38 22.06 31.23 4.94
CA ILE A 38 23.05 30.44 4.18
C ILE A 38 23.48 31.14 2.90
N LYS A 39 24.79 31.17 2.67
CA LYS A 39 25.35 31.55 1.36
C LYS A 39 25.33 30.30 0.45
N MET A 40 24.50 30.33 -0.58
CA MET A 40 24.42 29.19 -1.49
C MET A 40 25.70 28.94 -2.31
N VAL A 41 26.05 27.68 -2.50
CA VAL A 41 27.25 27.33 -3.28
C VAL A 41 26.80 26.60 -4.56
N ALA A 42 25.85 25.66 -4.45
CA ALA A 42 25.39 24.91 -5.60
C ALA A 42 23.95 24.51 -5.37
N THR A 43 23.17 24.48 -6.46
CA THR A 43 21.80 23.99 -6.38
C THR A 43 21.41 23.22 -7.63
N GLY A 44 20.71 22.09 -7.47
CA GLY A 44 20.29 21.30 -8.61
C GLY A 44 18.93 21.69 -9.11
N ILE A 45 18.66 21.36 -10.36
CA ILE A 45 17.33 21.56 -10.93
C ILE A 45 16.55 20.27 -10.86
N CYS A 46 15.55 20.24 -9.97
CA CYS A 46 14.68 19.08 -9.81
C CYS A 46 13.39 19.29 -10.57
N ARG A 47 12.82 18.19 -11.04
CA ARG A 47 11.54 18.32 -11.73
C ARG A 47 10.47 18.96 -10.85
N SER A 48 10.56 18.77 -9.54
CA SER A 48 9.56 19.41 -8.68
C SER A 48 9.60 20.96 -8.72
N ASP A 49 10.77 21.53 -8.98
CA ASP A 49 10.85 22.97 -9.18
C ASP A 49 10.15 23.38 -10.46
N ASP A 50 10.27 22.57 -11.50
CA ASP A 50 9.55 22.82 -12.74
C ASP A 50 8.06 22.69 -12.52
N HIS A 51 7.64 21.77 -11.64
CA HIS A 51 6.20 21.65 -11.31
C HIS A 51 5.61 22.96 -10.79
N VAL A 52 6.42 23.78 -10.11
CA VAL A 52 5.93 25.09 -9.64
C VAL A 52 5.67 26.01 -10.84
N VAL A 53 6.64 26.03 -11.75
CA VAL A 53 6.49 26.78 -13.00
C VAL A 53 5.25 26.32 -13.81
N SER A 54 5.05 25.02 -13.92
CA SER A 54 3.99 24.50 -14.78
C SER A 54 2.60 24.51 -14.14
N GLY A 55 2.54 24.77 -12.84
CA GLY A 55 1.27 24.73 -12.10
C GLY A 55 0.88 23.32 -11.69
N THR A 56 1.76 22.36 -11.96
CA THR A 56 1.55 20.98 -11.50
C THR A 56 1.53 20.93 -9.95
N LEU A 57 2.47 21.67 -9.34
CA LEU A 57 2.56 21.83 -7.89
C LEU A 57 2.14 23.25 -7.52
N VAL A 58 1.14 23.36 -6.66
CA VAL A 58 0.58 24.64 -6.23
C VAL A 58 1.26 25.12 -4.94
N THR A 59 1.82 26.33 -5.00
CA THR A 59 2.44 26.95 -3.84
C THR A 59 2.33 28.46 -4.07
N PRO A 60 2.18 29.27 -3.02
CA PRO A 60 1.98 30.72 -3.24
C PRO A 60 3.04 31.42 -4.06
N LEU A 61 2.57 32.23 -5.01
CA LEU A 61 3.46 33.04 -5.86
C LEU A 61 3.29 34.54 -5.47
N PRO A 62 4.27 35.41 -5.71
CA PRO A 62 5.57 35.09 -6.33
C PRO A 62 6.44 34.31 -5.36
N VAL A 63 7.43 33.58 -5.87
CA VAL A 63 8.20 32.67 -5.03
C VAL A 63 9.68 32.60 -5.44
N ILE A 64 10.55 32.37 -4.46
CA ILE A 64 11.88 31.86 -4.74
C ILE A 64 11.86 30.33 -4.58
N ALA A 65 11.92 29.61 -5.70
CA ALA A 65 11.90 28.15 -5.69
C ALA A 65 13.33 27.61 -5.39
N GLY A 66 13.55 26.32 -5.65
CA GLY A 66 14.84 25.71 -5.34
C GLY A 66 14.78 24.99 -4.01
N HIS A 67 15.13 23.71 -4.02
CA HIS A 67 15.11 22.90 -2.78
C HIS A 67 16.22 21.85 -2.65
N GLU A 68 17.02 21.68 -3.71
CA GLU A 68 18.12 20.72 -3.76
C GLU A 68 19.37 21.55 -3.78
N ALA A 69 20.06 21.66 -2.65
CA ALA A 69 21.20 22.57 -2.64
C ALA A 69 22.20 22.30 -1.52
N ALA A 70 23.30 23.04 -1.59
CA ALA A 70 24.29 23.07 -0.50
C ALA A 70 24.94 24.42 -0.41
N GLY A 71 25.30 24.82 0.80
CA GLY A 71 25.94 26.11 0.94
C GLY A 71 26.70 26.21 2.24
N ILE A 72 27.02 27.46 2.62
CA ILE A 72 27.83 27.71 3.81
C ILE A 72 27.11 28.71 4.72
N VAL A 73 27.01 28.37 6.01
CA VAL A 73 26.31 29.27 6.97
C VAL A 73 26.98 30.67 7.03
N GLU A 74 26.20 31.71 6.77
CA GLU A 74 26.68 33.09 6.88
C GLU A 74 26.44 33.61 8.30
N SER A 75 25.27 33.32 8.87
CA SER A 75 24.97 33.72 10.24
C SER A 75 23.84 32.90 10.84
N ILE A 76 23.71 32.97 12.16
CA ILE A 76 22.69 32.23 12.89
C ILE A 76 21.95 33.17 13.80
N GLY A 77 20.66 32.89 13.96
CA GLY A 77 19.82 33.64 14.88
C GLY A 77 20.03 33.13 16.29
N GLU A 78 19.41 33.86 17.22
CA GLU A 78 19.45 33.51 18.61
C GLU A 78 18.94 32.08 18.80
N GLY A 79 19.66 31.31 19.58
CA GLY A 79 19.16 30.03 20.04
C GLY A 79 19.51 28.88 19.14
N VAL A 80 20.17 29.14 18.00
CA VAL A 80 20.62 28.07 17.10
C VAL A 80 21.76 27.31 17.76
N THR A 81 21.70 25.98 17.75
CA THR A 81 22.71 25.13 18.38
C THR A 81 23.33 24.09 17.44
N THR A 82 22.75 23.85 16.25
CA THR A 82 23.16 22.68 15.47
C THR A 82 24.06 23.04 14.31
N VAL A 83 24.18 24.35 14.05
CA VAL A 83 25.14 24.81 13.03
C VAL A 83 25.75 26.11 13.48
N ARG A 84 26.88 26.44 12.87
CA ARG A 84 27.59 27.68 13.20
C ARG A 84 28.06 28.36 11.92
N PRO A 85 28.30 29.68 11.93
CA PRO A 85 28.83 30.36 10.75
C PRO A 85 30.09 29.64 10.21
N GLY A 86 30.14 29.44 8.91
CA GLY A 86 31.25 28.74 8.28
C GLY A 86 30.98 27.27 7.97
N ASP A 87 29.94 26.70 8.60
CA ASP A 87 29.63 25.29 8.36
C ASP A 87 29.07 25.08 6.97
N LYS A 88 29.46 23.96 6.36
CA LYS A 88 28.76 23.47 5.16
C LYS A 88 27.43 22.84 5.60
N VAL A 89 26.39 23.10 4.81
CA VAL A 89 25.04 22.67 5.17
C VAL A 89 24.25 22.31 3.93
N ILE A 90 23.26 21.45 4.11
CA ILE A 90 22.23 21.17 3.11
C ILE A 90 20.88 21.55 3.69
N PRO A 91 20.13 22.41 2.99
CA PRO A 91 18.74 22.72 3.40
C PRO A 91 17.90 21.45 3.25
N LEU A 92 16.93 21.32 4.15
CA LEU A 92 16.07 20.14 4.22
C LEU A 92 14.66 20.54 3.84
N PHE A 93 14.22 20.12 2.66
CA PHE A 93 12.88 20.52 2.21
C PHE A 93 11.77 19.78 2.94
N THR A 94 12.12 18.64 3.54
CA THR A 94 11.25 18.02 4.56
C THR A 94 11.98 18.29 5.86
N PRO A 95 11.40 19.06 6.79
CA PRO A 95 12.08 19.32 8.06
C PRO A 95 12.16 18.12 8.98
N GLN A 96 12.92 18.25 10.07
CA GLN A 96 12.91 17.26 11.13
C GLN A 96 12.90 17.98 12.47
N CYS A 97 11.71 18.23 12.99
CA CYS A 97 11.60 19.02 14.24
C CYS A 97 12.06 18.21 15.45
N GLY A 98 11.93 16.88 15.35
CA GLY A 98 12.36 16.03 16.43
C GLY A 98 11.36 15.87 17.55
N LYS A 99 10.22 16.58 17.49
CA LYS A 99 9.26 16.68 18.60
C LYS A 99 7.87 16.15 18.26
N CYS A 100 7.53 16.12 16.99
CA CYS A 100 6.17 15.75 16.60
C CYS A 100 6.01 14.23 16.58
N ARG A 101 4.78 13.77 16.46
CA ARG A 101 4.53 12.33 16.51
C ARG A 101 5.24 11.60 15.38
N VAL A 102 5.32 12.26 14.23
CA VAL A 102 6.02 11.66 13.08
C VAL A 102 7.52 11.57 13.34
N CYS A 103 8.14 12.67 13.79
CA CYS A 103 9.55 12.60 14.09
C CYS A 103 9.92 11.57 15.14
N LYS A 104 9.02 11.33 16.10
CA LYS A 104 9.26 10.32 17.13
C LYS A 104 9.00 8.89 16.69
N HIS A 105 8.37 8.71 15.54
CA HIS A 105 7.97 7.38 15.12
C HIS A 105 9.14 6.72 14.42
N PRO A 106 9.40 5.42 14.61
CA PRO A 106 10.62 4.85 14.02
C PRO A 106 10.66 4.86 12.52
N GLU A 107 9.51 4.87 11.85
CA GLU A 107 9.47 4.84 10.38
C GLU A 107 9.21 6.19 9.71
N GLY A 108 8.39 7.03 10.33
CA GLY A 108 7.90 8.24 9.66
C GLY A 108 8.98 9.27 9.41
N ASN A 109 8.88 10.02 8.31
CA ASN A 109 9.77 11.16 8.06
C ASN A 109 9.05 12.44 7.65
N PHE A 110 7.73 12.37 7.44
CA PHE A 110 6.99 13.51 6.93
C PHE A 110 6.60 14.42 8.11
N CYS A 111 7.57 15.15 8.59
CA CYS A 111 7.43 15.91 9.83
C CYS A 111 6.27 16.87 9.73
N LEU A 112 5.50 17.00 10.83
CA LEU A 112 4.34 17.86 10.80
C LEU A 112 4.59 19.35 10.53
N LYS A 113 5.83 19.80 10.64
CA LYS A 113 6.15 21.19 10.37
C LYS A 113 6.41 21.44 8.88
N ASN A 114 6.26 20.41 8.04
CA ASN A 114 6.45 20.56 6.59
C ASN A 114 5.57 21.67 6.00
N ASP A 115 6.04 22.25 4.90
CA ASP A 115 5.24 23.19 4.14
C ASP A 115 4.78 22.57 2.82
N LEU A 116 4.61 21.25 2.83
CA LEU A 116 4.21 20.54 1.61
C LEU A 116 2.70 20.31 1.51
N SER A 117 2.10 19.87 2.61
CA SER A 117 0.67 19.48 2.59
C SER A 117 -0.27 20.66 2.33
N MET A 118 0.03 21.80 2.92
CA MET A 118 -0.85 22.97 2.91
C MET A 118 0.11 24.15 2.78
N PRO A 119 0.68 24.32 1.60
CA PRO A 119 1.80 25.27 1.42
C PRO A 119 1.39 26.69 1.78
N ARG A 120 2.22 27.30 2.62
CA ARG A 120 2.07 28.69 3.05
C ARG A 120 3.11 29.54 2.35
N GLY A 121 4.26 28.94 2.03
CA GLY A 121 5.35 29.71 1.43
C GLY A 121 5.99 30.71 2.37
N THR A 122 6.15 30.35 3.64
CA THR A 122 6.76 31.21 4.63
C THR A 122 7.79 30.44 5.45
N MET A 123 8.43 31.16 6.35
CA MET A 123 9.18 30.62 7.48
C MET A 123 8.20 29.99 8.45
N GLN A 124 8.72 29.22 9.40
CA GLN A 124 7.84 28.62 10.41
C GLN A 124 6.94 29.67 11.08
N ASP A 125 7.44 30.89 11.24
CA ASP A 125 6.69 31.90 11.99
C ASP A 125 5.64 32.64 11.13
N GLY A 126 5.44 32.15 9.91
CA GLY A 126 4.39 32.68 9.03
C GLY A 126 4.72 33.94 8.29
N THR A 127 5.98 34.36 8.35
CA THR A 127 6.44 35.53 7.60
C THR A 127 7.53 35.18 6.59
N SER A 128 7.86 36.15 5.73
CA SER A 128 8.91 35.94 4.75
C SER A 128 10.13 36.81 5.03
N ARG A 129 11.30 36.27 4.70
CA ARG A 129 12.58 36.99 4.78
C ARG A 129 12.99 37.66 3.51
N PHE A 130 12.18 37.52 2.45
CA PHE A 130 12.53 38.02 1.12
C PHE A 130 11.67 39.18 0.68
N THR A 131 12.32 40.20 0.09
CA THR A 131 11.66 41.33 -0.53
C THR A 131 12.23 41.49 -1.92
N CYS A 132 11.42 41.89 -2.88
CA CYS A 132 11.93 42.18 -4.25
C CYS A 132 11.07 43.25 -4.89
N ARG A 133 11.71 44.34 -5.30
CA ARG A 133 11.03 45.54 -5.78
C ARG A 133 9.98 46.02 -4.79
N GLY A 134 10.33 45.92 -3.51
CA GLY A 134 9.46 46.37 -2.42
C GLY A 134 8.31 45.46 -2.07
N LYS A 135 8.17 44.34 -2.77
CA LYS A 135 7.11 43.37 -2.51
C LYS A 135 7.65 42.13 -1.77
N PRO A 136 6.86 41.57 -0.86
CA PRO A 136 7.28 40.34 -0.19
C PRO A 136 7.23 39.17 -1.18
N ILE A 137 8.22 38.28 -1.09
CA ILE A 137 8.28 37.11 -1.95
C ILE A 137 8.19 35.88 -1.08
N HIS A 138 7.45 34.88 -1.55
CA HIS A 138 7.29 33.64 -0.79
C HIS A 138 8.53 32.74 -0.79
N HIS A 139 8.66 31.99 0.29
CA HIS A 139 9.58 30.87 0.36
C HIS A 139 8.97 29.64 -0.34
N PHE A 140 9.80 28.62 -0.53
CA PHE A 140 9.35 27.38 -1.14
C PHE A 140 9.90 26.21 -0.33
N LEU A 141 9.00 25.41 0.22
CA LEU A 141 9.37 24.22 1.02
C LEU A 141 10.30 24.58 2.18
N GLY A 142 10.19 25.81 2.68
CA GLY A 142 11.11 26.26 3.72
C GLY A 142 12.58 26.28 3.30
N THR A 143 12.89 26.27 2.00
CA THR A 143 14.30 26.24 1.61
C THR A 143 14.69 27.37 0.67
N SER A 144 14.01 27.54 -0.44
CA SER A 144 14.28 28.66 -1.39
C SER A 144 15.76 28.81 -1.74
N THR A 145 16.27 27.82 -2.48
CA THR A 145 17.68 27.76 -2.77
C THR A 145 18.09 28.45 -4.07
N PHE A 146 17.14 28.93 -4.86
CA PHE A 146 17.49 29.69 -6.07
C PHE A 146 17.82 31.16 -5.72
N SER A 147 18.78 31.35 -4.83
CA SER A 147 19.15 32.69 -4.35
C SER A 147 20.57 32.61 -3.81
N GLN A 148 21.34 33.69 -3.96
CA GLN A 148 22.71 33.66 -3.43
C GLN A 148 22.71 33.49 -1.90
N TYR A 149 21.66 33.98 -1.27
CA TYR A 149 21.45 33.77 0.17
C TYR A 149 20.02 33.38 0.44
N THR A 150 19.85 32.42 1.34
CA THR A 150 18.49 32.10 1.82
C THR A 150 18.51 32.10 3.34
N VAL A 151 17.31 32.14 3.95
CA VAL A 151 17.14 31.97 5.39
C VAL A 151 16.21 30.79 5.57
N VAL A 152 16.62 29.88 6.46
CA VAL A 152 15.82 28.69 6.75
C VAL A 152 15.65 28.52 8.25
N ASP A 153 14.58 27.87 8.65
CA ASP A 153 14.45 27.47 10.05
C ASP A 153 15.47 26.39 10.41
N GLU A 154 15.93 26.40 11.68
CA GLU A 154 16.93 25.42 12.12
C GLU A 154 16.51 23.96 11.81
N ILE A 155 15.22 23.64 11.93
CA ILE A 155 14.74 22.27 11.70
C ILE A 155 14.80 21.89 10.20
N SER A 156 15.11 22.87 9.36
CA SER A 156 15.20 22.64 7.91
C SER A 156 16.66 22.79 7.42
N VAL A 157 17.64 22.54 8.28
CA VAL A 157 19.01 22.53 7.80
C VAL A 157 19.85 21.48 8.53
N ALA A 158 20.77 20.86 7.79
CA ALA A 158 21.71 19.89 8.39
C ALA A 158 23.14 20.28 8.12
N LYS A 159 23.95 20.18 9.17
CA LYS A 159 25.40 20.33 9.03
C LYS A 159 26.02 19.10 8.40
N ILE A 160 26.93 19.31 7.45
CA ILE A 160 27.61 18.21 6.79
C ILE A 160 29.13 18.39 6.85
N ASP A 161 29.84 17.33 6.44
CA ASP A 161 31.29 17.26 6.47
C ASP A 161 31.90 18.54 5.88
N ALA A 162 32.81 19.17 6.61
CA ALA A 162 33.50 20.38 6.16
C ALA A 162 34.33 20.18 4.87
N ALA A 163 34.68 18.94 4.57
CA ALA A 163 35.46 18.62 3.38
C ALA A 163 34.61 18.22 2.19
N SER A 164 33.28 18.29 2.29
CA SER A 164 32.50 17.72 1.18
C SER A 164 32.43 18.65 -0.01
N PRO A 165 32.38 18.07 -1.20
CA PRO A 165 32.27 18.87 -2.41
C PRO A 165 30.83 19.29 -2.68
N LEU A 166 30.55 20.55 -2.42
CA LEU A 166 29.17 21.04 -2.39
C LEU A 166 28.50 20.94 -3.76
N GLU A 167 29.31 21.00 -4.84
CA GLU A 167 28.80 20.94 -6.20
C GLU A 167 28.32 19.53 -6.57
N LYS A 168 28.66 18.54 -5.75
CA LYS A 168 28.11 17.19 -5.92
C LYS A 168 27.07 16.86 -4.85
N VAL A 169 27.41 17.11 -3.58
CA VAL A 169 26.53 16.64 -2.49
C VAL A 169 25.21 17.40 -2.39
N CYS A 170 25.07 18.55 -3.06
CA CYS A 170 23.74 19.16 -3.14
C CYS A 170 22.68 18.12 -3.56
N LEU A 171 23.04 17.12 -4.37
CA LEU A 171 22.07 16.11 -4.81
C LEU A 171 21.50 15.27 -3.66
N ILE A 172 22.22 15.21 -2.53
CA ILE A 172 21.74 14.52 -1.35
C ILE A 172 20.58 15.31 -0.74
N GLY A 173 20.46 16.60 -1.09
CA GLY A 173 19.34 17.39 -0.64
C GLY A 173 18.02 17.04 -1.35
N CYS A 174 18.06 16.27 -2.44
CA CYS A 174 16.79 15.81 -2.99
C CYS A 174 16.93 14.57 -3.85
N GLY A 175 17.44 14.73 -5.07
CA GLY A 175 17.27 13.69 -6.06
C GLY A 175 17.86 12.32 -5.70
N PHE A 176 19.12 12.32 -5.23
CA PHE A 176 19.77 11.07 -4.89
C PHE A 176 19.05 10.40 -3.70
N SER A 177 18.87 11.15 -2.61
CA SER A 177 18.32 10.53 -1.42
C SER A 177 16.87 10.09 -1.66
N THR A 178 16.10 10.88 -2.39
CA THR A 178 14.72 10.46 -2.69
C THR A 178 14.71 9.12 -3.43
N GLY A 179 15.49 8.99 -4.51
CA GLY A 179 15.41 7.74 -5.27
C GLY A 179 16.00 6.58 -4.51
N TYR A 180 17.17 6.80 -3.94
CA TYR A 180 17.91 5.73 -3.28
C TYR A 180 17.13 5.21 -2.09
N GLY A 181 16.63 6.12 -1.24
CA GLY A 181 15.78 5.72 -0.12
C GLY A 181 14.47 5.06 -0.52
N SER A 182 13.87 5.50 -1.63
CA SER A 182 12.64 4.85 -2.10
C SER A 182 12.85 3.35 -2.31
N ALA A 183 14.03 3.00 -2.83
CA ALA A 183 14.39 1.60 -3.00
C ALA A 183 14.79 0.93 -1.70
N VAL A 184 15.73 1.51 -0.94
CA VAL A 184 16.38 0.74 0.14
C VAL A 184 15.60 0.82 1.44
N LYS A 185 14.91 1.92 1.61
CA LYS A 185 14.21 2.17 2.88
C LYS A 185 12.70 2.00 2.79
N VAL A 186 12.07 2.53 1.74
CA VAL A 186 10.60 2.48 1.58
C VAL A 186 10.19 1.10 1.04
N ALA A 187 10.65 0.75 -0.18
CA ALA A 187 10.37 -0.57 -0.75
C ALA A 187 11.05 -1.70 0.02
N LYS A 188 12.26 -1.44 0.53
CA LYS A 188 13.11 -2.49 1.09
C LYS A 188 13.30 -3.61 0.07
N VAL A 189 13.82 -3.20 -1.10
CA VAL A 189 14.17 -4.16 -2.15
C VAL A 189 15.07 -5.29 -1.61
N THR A 190 14.78 -6.52 -2.06
CA THR A 190 15.49 -7.69 -1.57
C THR A 190 16.50 -8.25 -2.57
N GLN A 191 17.48 -8.97 -2.02
CA GLN A 191 18.45 -9.64 -2.86
C GLN A 191 17.80 -10.64 -3.80
N GLY A 192 18.14 -10.56 -5.08
CA GLY A 192 17.70 -11.52 -6.08
C GLY A 192 16.37 -11.18 -6.72
N SER A 193 15.80 -10.05 -6.28
CA SER A 193 14.45 -9.66 -6.72
C SER A 193 14.46 -9.02 -8.11
N THR A 194 13.28 -8.90 -8.72
CA THR A 194 13.10 -8.17 -9.96
C THR A 194 12.35 -6.87 -9.73
N CYS A 195 12.92 -5.78 -10.23
CA CYS A 195 12.42 -4.42 -10.01
C CYS A 195 12.06 -3.81 -11.35
N ALA A 196 11.03 -2.97 -11.37
CA ALA A 196 10.72 -2.11 -12.51
C ALA A 196 10.68 -0.68 -12.06
N VAL A 197 11.40 0.18 -12.80
CA VAL A 197 11.52 1.61 -12.49
C VAL A 197 10.96 2.44 -13.61
N PHE A 198 9.83 3.14 -13.36
CA PHE A 198 9.18 3.96 -14.39
C PHE A 198 9.71 5.37 -14.25
N GLY A 199 10.41 5.85 -15.29
CA GLY A 199 11.00 7.19 -15.30
C GLY A 199 12.47 7.12 -14.96
N LEU A 200 13.29 7.55 -15.92
CA LEU A 200 14.75 7.40 -15.78
C LEU A 200 15.44 8.76 -15.73
N GLY A 201 14.83 9.71 -15.02
CA GLY A 201 15.47 10.98 -14.70
C GLY A 201 16.42 10.85 -13.51
N GLY A 202 16.78 11.98 -12.90
CA GLY A 202 17.69 11.96 -11.76
C GLY A 202 17.17 11.09 -10.61
N VAL A 203 15.87 11.17 -10.35
CA VAL A 203 15.32 10.40 -9.23
C VAL A 203 15.23 8.91 -9.61
N GLY A 204 14.73 8.61 -10.81
CA GLY A 204 14.65 7.21 -11.21
C GLY A 204 16.01 6.50 -11.30
N LEU A 205 17.02 7.24 -11.76
CA LEU A 205 18.37 6.67 -11.81
C LEU A 205 18.84 6.35 -10.39
N SER A 206 18.43 7.19 -9.45
CA SER A 206 18.81 6.96 -8.04
C SER A 206 18.07 5.77 -7.42
N VAL A 207 16.83 5.58 -7.81
CA VAL A 207 16.11 4.34 -7.50
C VAL A 207 16.88 3.13 -8.04
N ILE A 208 17.38 3.21 -9.27
CA ILE A 208 18.14 2.09 -9.84
C ILE A 208 19.38 1.84 -9.00
N MET A 209 20.09 2.91 -8.64
CA MET A 209 21.26 2.78 -7.79
C MET A 209 20.90 2.01 -6.51
N GLY A 210 19.77 2.39 -5.90
CA GLY A 210 19.34 1.71 -4.69
C GLY A 210 18.96 0.26 -4.91
N CYS A 211 18.25 -0.03 -6.01
CA CYS A 211 17.88 -1.42 -6.30
C CYS A 211 19.14 -2.28 -6.50
N LYS A 212 20.13 -1.73 -7.19
CA LYS A 212 21.36 -2.50 -7.40
C LYS A 212 22.12 -2.69 -6.06
N ALA A 213 22.17 -1.62 -5.26
CA ALA A 213 22.83 -1.71 -3.96
C ALA A 213 22.20 -2.79 -3.06
N ALA A 214 20.89 -2.94 -3.22
CA ALA A 214 20.08 -3.91 -2.46
C ALA A 214 20.22 -5.32 -3.00
N GLY A 215 20.93 -5.48 -4.10
CA GLY A 215 21.14 -6.81 -4.67
C GLY A 215 20.06 -7.32 -5.62
N ALA A 216 19.23 -6.46 -6.19
CA ALA A 216 18.22 -6.95 -7.16
C ALA A 216 18.92 -7.68 -8.29
N ALA A 217 18.30 -8.76 -8.77
CA ALA A 217 18.90 -9.53 -9.86
C ALA A 217 18.55 -8.92 -11.23
N ARG A 218 17.37 -8.29 -11.31
CA ARG A 218 16.89 -7.70 -12.57
C ARG A 218 16.31 -6.34 -12.22
N ILE A 219 16.65 -5.34 -13.04
CA ILE A 219 16.15 -3.97 -12.85
C ILE A 219 15.74 -3.48 -14.22
N ILE A 220 14.44 -3.39 -14.45
CA ILE A 220 13.94 -3.02 -15.75
C ILE A 220 13.58 -1.55 -15.73
N GLY A 221 14.28 -0.75 -16.54
CA GLY A 221 13.99 0.67 -16.67
C GLY A 221 12.88 0.86 -17.70
N VAL A 222 11.95 1.76 -17.43
CA VAL A 222 10.84 2.05 -18.35
C VAL A 222 10.84 3.57 -18.58
N ASP A 223 10.91 3.98 -19.84
CA ASP A 223 10.86 5.40 -20.18
C ASP A 223 10.41 5.53 -21.64
N ILE A 224 9.64 6.57 -21.96
CA ILE A 224 9.27 6.86 -23.35
C ILE A 224 10.38 7.57 -24.12
N ASN A 225 11.43 7.99 -23.42
CA ASN A 225 12.57 8.63 -24.05
C ASN A 225 13.74 7.63 -24.07
N LYS A 226 13.99 6.99 -25.20
CA LYS A 226 15.02 5.97 -25.25
C LYS A 226 16.45 6.51 -25.05
N ASP A 227 16.63 7.83 -25.19
CA ASP A 227 17.92 8.43 -24.90
C ASP A 227 18.31 8.28 -23.44
N LYS A 228 17.34 7.93 -22.57
CA LYS A 228 17.64 7.79 -21.15
C LYS A 228 18.19 6.39 -20.81
N PHE A 229 18.18 5.46 -21.79
CA PHE A 229 18.45 4.06 -21.46
C PHE A 229 19.92 3.78 -21.19
N ALA A 230 20.79 4.44 -21.93
CA ALA A 230 22.21 4.14 -21.79
C ALA A 230 22.69 4.40 -20.35
N LYS A 231 22.34 5.57 -19.81
CA LYS A 231 22.78 5.92 -18.46
C LYS A 231 22.08 4.99 -17.44
N ALA A 232 20.81 4.62 -17.68
CA ALA A 232 20.13 3.68 -16.75
C ALA A 232 20.90 2.34 -16.64
N LYS A 233 21.36 1.82 -17.78
CA LYS A 233 22.16 0.60 -17.78
C LYS A 233 23.52 0.82 -17.07
N GLU A 234 24.13 1.99 -17.26
CA GLU A 234 25.40 2.24 -16.57
C GLU A 234 25.28 2.11 -15.05
N VAL A 235 24.15 2.58 -14.53
CA VAL A 235 23.96 2.57 -13.08
C VAL A 235 23.24 1.35 -12.55
N GLY A 236 22.92 0.39 -13.42
CA GLY A 236 22.45 -0.89 -12.94
C GLY A 236 21.24 -1.49 -13.63
N ALA A 237 20.55 -0.77 -14.52
CA ALA A 237 19.42 -1.41 -15.21
C ALA A 237 19.93 -2.62 -16.02
N THR A 238 19.19 -3.73 -15.95
CA THR A 238 19.59 -4.92 -16.73
C THR A 238 18.98 -4.93 -18.12
N GLU A 239 17.92 -4.15 -18.27
CA GLU A 239 17.08 -4.10 -19.50
C GLU A 239 16.28 -2.80 -19.44
N CYS A 240 15.97 -2.22 -20.59
CA CYS A 240 15.11 -1.04 -20.65
C CYS A 240 14.02 -1.26 -21.71
N VAL A 241 12.83 -0.74 -21.42
CA VAL A 241 11.69 -0.86 -22.33
C VAL A 241 11.03 0.48 -22.53
N ASN A 242 10.64 0.77 -23.76
CA ASN A 242 9.88 1.97 -24.06
C ASN A 242 8.42 1.58 -24.38
N PRO A 243 7.44 1.99 -23.57
CA PRO A 243 6.03 1.62 -23.82
C PRO A 243 5.59 1.90 -25.26
N GLN A 244 6.16 2.91 -25.90
CA GLN A 244 5.73 3.30 -27.25
C GLN A 244 6.08 2.25 -28.26
N ASP A 245 6.99 1.33 -27.91
CA ASP A 245 7.41 0.28 -28.86
C ASP A 245 6.46 -0.90 -28.92
N TYR A 246 5.46 -0.92 -28.04
CA TYR A 246 4.64 -2.13 -27.88
C TYR A 246 3.19 -1.87 -28.26
N LYS A 247 2.55 -2.90 -28.81
CA LYS A 247 1.15 -2.81 -29.17
C LYS A 247 0.21 -3.20 -28.04
N LYS A 248 0.77 -3.49 -26.88
CA LYS A 248 -0.07 -3.81 -25.75
C LYS A 248 0.42 -3.02 -24.55
N PRO A 249 -0.45 -2.84 -23.55
CA PRO A 249 -0.11 -2.03 -22.36
C PRO A 249 1.16 -2.56 -21.67
N ILE A 250 1.99 -1.64 -21.19
CA ILE A 250 3.27 -2.05 -20.64
C ILE A 250 3.12 -2.89 -19.37
N GLN A 251 2.00 -2.78 -18.63
CA GLN A 251 1.87 -3.63 -17.44
C GLN A 251 1.83 -5.09 -17.88
N GLU A 252 1.23 -5.35 -19.04
CA GLU A 252 1.16 -6.72 -19.58
C GLU A 252 2.55 -7.22 -20.01
N VAL A 253 3.26 -6.36 -20.73
CA VAL A 253 4.64 -6.63 -21.07
C VAL A 253 5.53 -6.95 -19.86
N LEU A 254 5.46 -6.12 -18.82
CA LEU A 254 6.32 -6.31 -17.66
C LEU A 254 5.93 -7.57 -16.90
N THR A 255 4.63 -7.84 -16.84
CA THR A 255 4.14 -9.07 -16.20
C THR A 255 4.69 -10.31 -16.94
N GLU A 256 4.65 -10.28 -18.27
CA GLU A 256 5.20 -11.39 -19.05
C GLU A 256 6.72 -11.51 -18.87
N MET A 257 7.41 -10.38 -18.93
CA MET A 257 8.86 -10.41 -18.81
C MET A 257 9.34 -10.99 -17.49
N SER A 258 8.54 -10.74 -16.45
CA SER A 258 8.89 -11.19 -15.12
C SER A 258 8.20 -12.47 -14.73
N ASN A 259 7.67 -13.18 -15.72
CA ASN A 259 7.04 -14.47 -15.47
C ASN A 259 5.97 -14.41 -14.35
N GLY A 260 5.12 -13.38 -14.42
CA GLY A 260 3.99 -13.26 -13.51
C GLY A 260 3.95 -11.99 -12.66
N GLY A 261 4.84 -11.00 -12.91
CA GLY A 261 4.85 -9.75 -12.14
C GLY A 261 6.16 -9.52 -11.44
N VAL A 262 6.50 -8.24 -11.27
CA VAL A 262 7.76 -7.92 -10.59
C VAL A 262 7.63 -7.91 -9.05
N ASP A 263 8.76 -8.04 -8.36
CA ASP A 263 8.72 -7.96 -6.90
C ASP A 263 8.48 -6.54 -6.40
N PHE A 264 9.12 -5.57 -7.07
CA PHE A 264 9.04 -4.15 -6.69
C PHE A 264 8.90 -3.28 -7.92
N SER A 265 7.95 -2.35 -7.88
CA SER A 265 7.92 -1.32 -8.93
C SER A 265 7.92 0.06 -8.33
N PHE A 266 8.36 1.02 -9.12
CA PHE A 266 8.49 2.41 -8.66
C PHE A 266 7.95 3.33 -9.73
N GLU A 267 7.03 4.22 -9.31
CA GLU A 267 6.60 5.26 -10.24
C GLU A 267 7.44 6.49 -9.92
N VAL A 268 8.22 6.95 -10.92
CA VAL A 268 9.16 8.07 -10.74
C VAL A 268 9.02 9.09 -11.86
N ILE A 269 7.76 9.37 -12.19
CA ILE A 269 7.42 10.28 -13.29
C ILE A 269 6.48 11.37 -12.78
N GLY A 270 5.34 10.95 -12.25
CA GLY A 270 4.30 11.87 -11.80
C GLY A 270 3.07 11.88 -12.68
N ARG A 271 2.64 10.70 -13.13
CA ARG A 271 1.41 10.63 -13.90
C ARG A 271 0.46 9.63 -13.26
N LEU A 272 -0.81 9.98 -13.26
CA LEU A 272 -1.82 9.09 -12.70
C LEU A 272 -1.82 7.74 -13.42
N ASP A 273 -1.75 7.76 -14.76
CA ASP A 273 -1.80 6.48 -15.42
C ASP A 273 -0.63 5.54 -15.10
N THR A 274 0.58 6.07 -15.09
CA THR A 274 1.74 5.24 -14.76
C THR A 274 1.77 4.79 -13.29
N MET A 275 1.12 5.56 -12.40
CA MET A 275 0.97 5.05 -11.03
C MET A 275 0.14 3.78 -11.02
N VAL A 276 -0.96 3.77 -11.77
CA VAL A 276 -1.80 2.54 -11.79
C VAL A 276 -1.08 1.40 -12.53
N THR A 277 -0.39 1.71 -13.65
CA THR A 277 0.37 0.71 -14.40
C THR A 277 1.46 0.10 -13.54
N ALA A 278 2.17 0.95 -12.80
CA ALA A 278 3.24 0.44 -11.97
C ALA A 278 2.68 -0.46 -10.87
N LEU A 279 1.53 -0.10 -10.31
CA LEU A 279 0.92 -1.04 -9.34
C LEU A 279 0.57 -2.36 -10.01
N SER A 280 -0.05 -2.28 -11.19
CA SER A 280 -0.56 -3.47 -11.83
C SER A 280 0.57 -4.44 -12.18
N CYS A 281 1.75 -3.93 -12.56
CA CYS A 281 2.84 -4.80 -13.01
C CYS A 281 3.61 -5.53 -11.89
N CYS A 282 3.33 -5.16 -10.65
CA CYS A 282 3.93 -5.92 -9.55
C CYS A 282 3.10 -7.20 -9.27
N GLN A 283 3.77 -8.26 -8.78
CA GLN A 283 3.11 -9.57 -8.65
C GLN A 283 1.86 -9.43 -7.75
N GLU A 284 0.74 -10.03 -8.15
CA GLU A 284 -0.53 -9.71 -7.50
C GLU A 284 -0.67 -10.15 -6.04
N ALA A 285 0.09 -11.16 -5.63
CA ALA A 285 0.01 -11.68 -4.29
C ALA A 285 0.98 -11.07 -3.31
N TYR A 286 2.15 -10.65 -3.79
CA TYR A 286 3.24 -10.21 -2.90
C TYR A 286 4.04 -9.03 -3.40
N GLY A 287 3.65 -8.48 -4.55
CA GLY A 287 4.36 -7.32 -5.13
C GLY A 287 4.22 -6.08 -4.27
N VAL A 288 5.20 -5.17 -4.41
CA VAL A 288 5.15 -3.88 -3.73
C VAL A 288 5.37 -2.80 -4.78
N SER A 289 4.54 -1.77 -4.77
CA SER A 289 4.75 -0.63 -5.67
C SER A 289 4.85 0.66 -4.85
N VAL A 290 5.88 1.46 -5.17
CA VAL A 290 6.11 2.72 -4.47
C VAL A 290 5.90 3.90 -5.41
N ILE A 291 5.02 4.83 -5.00
CA ILE A 291 4.85 6.09 -5.72
C ILE A 291 5.89 7.10 -5.24
N VAL A 292 6.70 7.58 -6.18
CA VAL A 292 7.69 8.63 -5.91
C VAL A 292 7.32 9.90 -6.67
N GLY A 293 6.77 9.77 -7.89
CA GLY A 293 6.47 10.97 -8.64
C GLY A 293 5.38 11.84 -8.03
N VAL A 294 5.44 13.13 -8.35
CA VAL A 294 4.43 14.09 -7.85
C VAL A 294 3.43 14.34 -8.95
N PRO A 295 2.17 14.00 -8.72
CA PRO A 295 1.15 14.18 -9.73
C PRO A 295 0.55 15.59 -9.80
N PRO A 296 -0.16 15.94 -10.87
CA PRO A 296 -0.80 17.25 -10.95
C PRO A 296 -1.80 17.46 -9.81
N ASP A 297 -1.79 18.70 -9.34
CA ASP A 297 -2.55 19.12 -8.19
C ASP A 297 -4.04 18.77 -8.33
N SER A 298 -4.62 18.20 -7.28
CA SER A 298 -6.08 17.99 -7.17
C SER A 298 -6.67 17.01 -8.20
N GLN A 299 -5.87 16.10 -8.72
CA GLN A 299 -6.41 15.13 -9.66
C GLN A 299 -6.40 13.76 -8.99
N ASN A 300 -7.50 13.01 -9.14
CA ASN A 300 -7.63 11.68 -8.56
C ASN A 300 -7.35 10.62 -9.61
N LEU A 301 -6.74 9.51 -9.20
CA LEU A 301 -6.65 8.35 -10.11
C LEU A 301 -7.87 7.42 -9.92
N SER A 302 -8.06 6.52 -10.87
CA SER A 302 -9.10 5.50 -10.80
C SER A 302 -8.39 4.16 -10.83
N MET A 303 -8.77 3.25 -9.93
CA MET A 303 -8.19 1.91 -9.90
C MET A 303 -9.17 0.90 -9.35
N ASN A 304 -8.92 -0.37 -9.68
CA ASN A 304 -9.76 -1.46 -9.21
C ASN A 304 -9.12 -2.01 -7.95
N PRO A 305 -9.81 -1.94 -6.81
CA PRO A 305 -9.21 -2.38 -5.54
C PRO A 305 -8.92 -3.88 -5.47
N MET A 306 -9.42 -4.69 -6.41
CA MET A 306 -8.96 -6.08 -6.50
C MET A 306 -7.46 -6.18 -6.69
N LEU A 307 -6.84 -5.13 -7.24
CA LEU A 307 -5.39 -5.17 -7.37
C LEU A 307 -4.70 -5.27 -6.01
N LEU A 308 -5.34 -4.67 -4.99
CA LEU A 308 -4.86 -4.72 -3.62
C LEU A 308 -5.33 -5.95 -2.86
N LEU A 309 -6.59 -6.33 -3.09
CA LEU A 309 -7.16 -7.42 -2.33
C LEU A 309 -6.39 -8.74 -2.55
N SER A 310 -5.83 -8.96 -3.74
CA SER A 310 -5.04 -10.18 -3.95
C SER A 310 -3.73 -10.27 -3.12
N GLY A 311 -3.28 -9.12 -2.65
CA GLY A 311 -2.08 -9.08 -1.81
C GLY A 311 -1.05 -8.00 -2.07
N ARG A 312 -1.21 -7.22 -3.12
CA ARG A 312 -0.26 -6.13 -3.41
C ARG A 312 -0.20 -5.12 -2.28
N THR A 313 0.97 -4.49 -2.16
CA THR A 313 1.18 -3.34 -1.27
C THR A 313 1.50 -2.11 -2.11
N TRP A 314 0.86 -1.00 -1.77
CA TRP A 314 1.05 0.25 -2.49
C TRP A 314 1.43 1.28 -1.45
N LYS A 315 2.50 2.02 -1.70
CA LYS A 315 2.85 3.07 -0.78
C LYS A 315 3.49 4.20 -1.50
N GLY A 316 3.67 5.34 -0.83
CA GLY A 316 4.47 6.39 -1.43
C GLY A 316 5.38 6.99 -0.35
N ALA A 317 6.26 7.92 -0.73
CA ALA A 317 7.09 8.59 0.26
C ALA A 317 7.64 9.88 -0.28
N ILE A 318 7.94 10.78 0.65
CA ILE A 318 8.64 12.00 0.35
C ILE A 318 10.09 11.75 0.78
N PHE A 319 11.05 12.23 -0.03
CA PHE A 319 12.46 12.22 0.35
C PHE A 319 12.98 10.81 0.71
N GLY A 320 12.50 9.79 -0.01
CA GLY A 320 12.99 8.44 0.19
C GLY A 320 12.76 7.82 1.58
N GLY A 321 11.80 8.42 2.33
CA GLY A 321 11.48 7.95 3.67
C GLY A 321 12.53 8.33 4.71
N PHE A 322 13.58 9.04 4.31
CA PHE A 322 14.66 9.42 5.24
C PHE A 322 14.24 10.49 6.25
N LYS A 323 14.44 10.24 7.55
CA LYS A 323 14.37 11.37 8.52
C LYS A 323 15.49 12.34 8.14
N SER A 324 15.10 13.55 7.75
CA SER A 324 16.00 14.36 6.93
C SER A 324 17.26 14.83 7.65
N LYS A 325 17.13 15.34 8.89
CA LYS A 325 18.29 15.91 9.60
C LYS A 325 19.24 14.85 10.11
N ASP A 326 18.69 13.69 10.50
CA ASP A 326 19.51 12.58 10.90
C ASP A 326 20.25 12.00 9.67
N SER A 327 19.55 11.94 8.53
CA SER A 327 20.03 11.11 7.44
C SER A 327 21.00 11.84 6.53
N VAL A 328 20.76 13.13 6.31
CA VAL A 328 21.59 13.89 5.36
C VAL A 328 23.07 13.89 5.66
N PRO A 329 23.48 14.16 6.91
CA PRO A 329 24.91 14.11 7.22
C PRO A 329 25.48 12.71 7.03
N LYS A 330 24.71 11.66 7.32
CA LYS A 330 25.24 10.30 7.18
C LYS A 330 25.37 9.94 5.70
N LEU A 331 24.42 10.39 4.89
CA LEU A 331 24.53 10.18 3.45
C LEU A 331 25.75 10.87 2.86
N VAL A 332 26.03 12.09 3.31
CA VAL A 332 27.23 12.77 2.86
C VAL A 332 28.46 12.01 3.34
N ALA A 333 28.48 11.53 4.59
CA ALA A 333 29.64 10.73 5.04
C ALA A 333 29.82 9.49 4.18
N ASP A 334 28.72 8.81 3.84
CA ASP A 334 28.77 7.63 2.99
C ASP A 334 29.31 7.94 1.59
N PHE A 335 28.92 9.10 1.06
CA PHE A 335 29.46 9.55 -0.22
C PHE A 335 30.97 9.76 -0.13
N MET A 336 31.41 10.45 0.91
CA MET A 336 32.84 10.68 1.12
C MET A 336 33.62 9.37 1.27
N ALA A 337 32.95 8.34 1.79
CA ALA A 337 33.50 6.99 1.93
C ALA A 337 33.33 6.10 0.68
N LYS A 338 32.90 6.71 -0.42
CA LYS A 338 32.74 6.06 -1.73
C LYS A 338 31.70 4.92 -1.73
N LYS A 339 30.66 5.06 -0.89
CA LYS A 339 29.65 4.00 -0.78
C LYS A 339 28.65 4.08 -1.92
N PHE A 340 28.55 5.26 -2.53
CA PHE A 340 27.73 5.44 -3.73
C PHE A 340 28.32 6.57 -4.57
N ALA A 341 27.87 6.68 -5.81
CA ALA A 341 28.33 7.71 -6.75
C ALA A 341 27.26 8.74 -7.06
N LEU A 342 27.66 10.00 -7.21
CA LEU A 342 26.75 11.07 -7.64
C LEU A 342 27.01 11.57 -9.06
N ASP A 343 28.24 11.42 -9.55
CA ASP A 343 28.57 11.91 -10.89
C ASP A 343 27.65 11.39 -12.01
N PRO A 344 27.18 10.15 -11.96
CA PRO A 344 26.28 9.67 -13.02
C PRO A 344 25.02 10.49 -13.18
N LEU A 345 24.60 11.22 -12.16
CA LEU A 345 23.37 11.98 -12.23
C LEU A 345 23.60 13.37 -12.83
N ILE A 346 24.86 13.82 -12.89
CA ILE A 346 25.14 15.21 -13.27
C ILE A 346 25.52 15.23 -14.74
N THR A 347 24.67 15.85 -15.56
CA THR A 347 24.97 15.94 -16.99
C THR A 347 25.46 17.31 -17.42
N HIS A 348 25.17 18.33 -16.62
CA HIS A 348 25.42 19.71 -16.98
C HIS A 348 25.76 20.47 -15.71
N VAL A 349 26.72 21.40 -15.82
CA VAL A 349 27.07 22.30 -14.74
C VAL A 349 27.09 23.69 -15.35
N LEU A 350 26.26 24.59 -14.80
CA LEU A 350 26.08 25.95 -15.33
C LEU A 350 26.14 27.00 -14.25
N PRO A 351 26.57 28.19 -14.59
CA PRO A 351 26.46 29.30 -13.62
C PRO A 351 24.99 29.55 -13.27
N PHE A 352 24.73 29.99 -12.03
CA PHE A 352 23.35 30.25 -11.58
C PHE A 352 22.58 31.16 -12.53
N GLU A 353 23.29 32.14 -13.11
CA GLU A 353 22.70 33.10 -14.02
C GLU A 353 22.03 32.41 -15.24
N LYS A 354 22.41 31.14 -15.52
CA LYS A 354 21.83 30.36 -16.63
C LYS A 354 20.70 29.42 -16.16
N ILE A 355 20.04 29.79 -15.06
CA ILE A 355 18.95 28.95 -14.55
C ILE A 355 17.90 28.60 -15.63
N ASN A 356 17.46 29.57 -16.41
CA ASN A 356 16.44 29.29 -17.43
C ASN A 356 16.90 28.27 -18.48
N GLU A 357 18.16 28.39 -18.88
CA GLU A 357 18.78 27.46 -19.80
C GLU A 357 18.77 26.06 -19.18
N GLY A 358 19.04 25.98 -17.88
CA GLY A 358 18.99 24.70 -17.15
C GLY A 358 17.61 24.08 -17.15
N PHE A 359 16.59 24.90 -16.96
CA PHE A 359 15.22 24.39 -17.01
C PHE A 359 14.88 23.94 -18.43
N ASP A 360 15.39 24.66 -19.43
CA ASP A 360 15.10 24.29 -20.83
C ASP A 360 15.73 22.93 -21.15
N LEU A 361 16.93 22.68 -20.63
CA LEU A 361 17.55 21.34 -20.81
C LEU A 361 16.70 20.23 -20.17
N LEU A 362 16.12 20.50 -19.00
CA LEU A 362 15.32 19.48 -18.36
C LEU A 362 14.07 19.20 -19.18
N ARG A 363 13.38 20.27 -19.56
CA ARG A 363 12.12 20.15 -20.30
C ARG A 363 12.26 19.47 -21.65
N SER A 364 13.43 19.66 -22.27
CA SER A 364 13.64 19.11 -23.60
C SER A 364 14.06 17.63 -23.57
N GLY A 365 14.28 17.10 -22.38
CA GLY A 365 14.71 15.72 -22.24
C GLY A 365 16.21 15.52 -22.28
N GLU A 366 16.97 16.61 -22.45
CA GLU A 366 18.42 16.50 -22.67
C GLU A 366 19.28 16.31 -21.42
N SER A 367 18.78 16.73 -20.27
CA SER A 367 19.58 16.63 -19.05
C SER A 367 19.00 15.62 -18.07
N ILE A 368 19.85 15.16 -17.15
CA ILE A 368 19.42 14.50 -15.92
C ILE A 368 19.42 15.59 -14.85
N ARG A 369 20.53 15.79 -14.14
CA ARG A 369 20.65 16.98 -13.26
C ARG A 369 21.62 17.99 -13.82
N THR A 370 21.13 19.23 -13.92
CA THR A 370 22.00 20.39 -14.06
C THR A 370 22.25 20.94 -12.67
N ILE A 371 23.52 21.14 -12.35
CA ILE A 371 23.90 21.82 -11.10
C ILE A 371 24.22 23.27 -11.47
N LEU A 372 23.56 24.19 -10.79
CA LEU A 372 23.86 25.62 -10.90
C LEU A 372 24.85 26.06 -9.83
N THR A 373 25.88 26.81 -10.25
CA THR A 373 26.90 27.22 -9.31
C THR A 373 26.84 28.74 -9.10
N PHE A 374 26.94 29.14 -7.86
CA PHE A 374 26.82 30.55 -7.51
C PHE A 374 28.12 31.31 -7.64
N SER B 1 -18.03 -48.33 0.52
CA SER B 1 -19.53 -48.47 0.62
C SER B 1 -20.24 -47.45 -0.28
N THR B 2 -19.74 -46.21 -0.31
CA THR B 2 -20.09 -45.31 -1.40
C THR B 2 -18.84 -45.01 -2.23
N ALA B 3 -17.70 -45.55 -1.81
CA ALA B 3 -16.45 -45.31 -2.54
C ALA B 3 -16.62 -45.72 -4.00
N GLY B 4 -16.14 -44.87 -4.92
CA GLY B 4 -16.24 -45.11 -6.36
C GLY B 4 -17.61 -44.93 -6.99
N LYS B 5 -18.62 -44.62 -6.20
CA LYS B 5 -19.98 -44.51 -6.72
C LYS B 5 -20.45 -43.06 -6.69
N VAL B 6 -21.36 -42.71 -7.59
CA VAL B 6 -22.07 -41.44 -7.54
C VAL B 6 -22.90 -41.40 -6.26
N ILE B 7 -22.85 -40.27 -5.56
CA ILE B 7 -23.71 -40.04 -4.41
C ILE B 7 -24.82 -39.07 -4.77
N LYS B 8 -26.07 -39.45 -4.47
CA LYS B 8 -27.19 -38.53 -4.57
C LYS B 8 -27.39 -37.94 -3.19
N CYS B 9 -27.45 -36.61 -3.10
CA CYS B 9 -27.64 -35.96 -1.81
C CYS B 9 -28.33 -34.62 -2.01
N LYS B 10 -28.64 -33.96 -0.91
CA LYS B 10 -29.22 -32.62 -0.97
C LYS B 10 -28.11 -31.57 -1.02
N ALA B 11 -28.34 -30.54 -1.84
CA ALA B 11 -27.48 -29.36 -1.83
C ALA B 11 -28.34 -28.12 -2.01
N ALA B 12 -27.75 -26.96 -1.81
CA ALA B 12 -28.44 -25.70 -1.99
C ALA B 12 -27.93 -25.15 -3.31
N VAL B 13 -28.75 -25.23 -4.34
CA VAL B 13 -28.35 -24.79 -5.68
C VAL B 13 -28.87 -23.37 -5.89
N LEU B 14 -28.02 -22.52 -6.45
CA LEU B 14 -28.41 -21.17 -6.85
C LEU B 14 -28.51 -21.15 -8.36
N TRP B 15 -29.75 -21.11 -8.82
CA TRP B 15 -30.04 -21.18 -10.25
C TRP B 15 -29.94 -19.80 -10.92
N GLU B 16 -30.20 -18.75 -10.16
CA GLU B 16 -30.16 -17.39 -10.70
C GLU B 16 -29.89 -16.37 -9.61
N GLU B 17 -29.37 -15.20 -10.00
CA GLU B 17 -29.08 -14.15 -9.01
C GLU B 17 -30.36 -13.67 -8.36
N LYS B 18 -30.24 -13.21 -7.12
CA LYS B 18 -31.29 -12.49 -6.38
C LYS B 18 -32.53 -13.36 -6.14
N LYS B 19 -32.32 -14.67 -6.02
CA LYS B 19 -33.38 -15.62 -5.67
C LYS B 19 -32.90 -16.48 -4.50
N PRO B 20 -33.86 -17.05 -3.74
CA PRO B 20 -33.52 -18.03 -2.70
C PRO B 20 -32.75 -19.21 -3.29
N PHE B 21 -31.95 -19.84 -2.45
CA PHE B 21 -31.35 -21.11 -2.79
C PHE B 21 -32.44 -22.17 -2.90
N SER B 22 -32.24 -23.14 -3.79
CA SER B 22 -33.15 -24.27 -3.93
C SER B 22 -32.52 -25.50 -3.29
N ILE B 23 -33.12 -26.00 -2.22
CA ILE B 23 -32.62 -27.21 -1.58
C ILE B 23 -33.21 -28.38 -2.33
N GLU B 24 -32.35 -29.10 -3.06
CA GLU B 24 -32.80 -30.22 -3.86
C GLU B 24 -31.68 -31.23 -4.11
N GLU B 25 -32.05 -32.39 -4.65
CA GLU B 25 -31.12 -33.49 -4.87
C GLU B 25 -30.16 -33.16 -6.01
N VAL B 26 -28.88 -33.41 -5.74
CA VAL B 26 -27.85 -33.33 -6.76
C VAL B 26 -27.14 -34.69 -6.82
N GLU B 27 -26.40 -34.92 -7.90
CA GLU B 27 -25.53 -36.09 -8.02
C GLU B 27 -24.09 -35.62 -7.93
N VAL B 28 -23.34 -36.27 -7.03
CA VAL B 28 -21.96 -35.88 -6.74
C VAL B 28 -21.07 -37.03 -7.22
N ALA B 29 -20.25 -36.77 -8.23
CA ALA B 29 -19.42 -37.80 -8.82
C ALA B 29 -18.34 -38.23 -7.82
N PRO B 30 -17.80 -39.44 -7.95
CA PRO B 30 -16.66 -39.85 -7.13
C PRO B 30 -15.39 -39.05 -7.49
N PRO B 31 -14.47 -38.94 -6.53
CA PRO B 31 -13.24 -38.16 -6.73
C PRO B 31 -12.33 -38.79 -7.79
N LYS B 32 -11.81 -37.95 -8.68
CA LYS B 32 -10.81 -38.38 -9.65
C LYS B 32 -9.43 -38.33 -9.00
N ALA B 33 -8.37 -38.58 -9.77
CA ALA B 33 -7.03 -38.48 -9.18
C ALA B 33 -6.81 -37.16 -8.41
N HIS B 34 -6.20 -37.27 -7.24
CA HIS B 34 -5.86 -36.08 -6.43
C HIS B 34 -7.06 -35.23 -6.06
N GLU B 35 -8.22 -35.87 -5.91
CA GLU B 35 -9.46 -35.20 -5.43
C GLU B 35 -9.95 -35.94 -4.22
N VAL B 36 -10.78 -35.26 -3.43
CA VAL B 36 -11.25 -35.73 -2.12
C VAL B 36 -12.74 -35.44 -2.03
N ARG B 37 -13.52 -36.47 -1.70
CA ARG B 37 -14.95 -36.24 -1.47
C ARG B 37 -15.24 -36.21 0.01
N ILE B 38 -15.96 -35.15 0.42
CA ILE B 38 -16.17 -34.83 1.83
C ILE B 38 -17.65 -34.84 2.18
N LYS B 39 -17.98 -35.52 3.28
CA LYS B 39 -19.32 -35.42 3.88
C LYS B 39 -19.32 -34.17 4.77
N MET B 40 -20.12 -33.18 4.40
CA MET B 40 -20.10 -31.92 5.15
C MET B 40 -20.78 -32.12 6.50
N VAL B 41 -20.24 -31.44 7.50
CA VAL B 41 -20.84 -31.47 8.87
C VAL B 41 -21.37 -30.11 9.27
N ALA B 42 -20.60 -29.04 9.02
CA ALA B 42 -21.11 -27.69 9.32
C ALA B 42 -20.60 -26.70 8.28
N THR B 43 -21.38 -25.65 8.02
CA THR B 43 -20.91 -24.56 7.14
C THR B 43 -21.48 -23.25 7.62
N GLY B 44 -20.64 -22.23 7.61
CA GLY B 44 -21.06 -20.91 8.01
C GLY B 44 -21.59 -20.12 6.83
N ILE B 45 -22.41 -19.11 7.11
CA ILE B 45 -22.85 -18.14 6.08
C ILE B 45 -21.96 -16.89 6.12
N CYS B 46 -21.06 -16.75 5.13
CA CYS B 46 -20.19 -15.59 5.00
C CYS B 46 -20.85 -14.58 4.06
N ARG B 47 -20.60 -13.30 4.28
CA ARG B 47 -21.13 -12.30 3.38
C ARG B 47 -20.69 -12.55 1.92
N SER B 48 -19.50 -13.16 1.69
CA SER B 48 -19.13 -13.44 0.30
C SER B 48 -20.07 -14.41 -0.42
N ASP B 49 -20.70 -15.33 0.34
CA ASP B 49 -21.69 -16.23 -0.30
C ASP B 49 -22.92 -15.41 -0.73
N ASP B 50 -23.34 -14.45 0.12
CA ASP B 50 -24.41 -13.54 -0.24
C ASP B 50 -24.03 -12.68 -1.46
N HIS B 51 -22.74 -12.34 -1.59
CA HIS B 51 -22.28 -11.57 -2.75
C HIS B 51 -22.54 -12.31 -4.06
N VAL B 52 -22.50 -13.65 -4.04
CA VAL B 52 -22.81 -14.43 -5.24
C VAL B 52 -24.28 -14.20 -5.56
N VAL B 53 -25.12 -14.25 -4.54
CA VAL B 53 -26.57 -14.08 -4.79
C VAL B 53 -26.84 -12.67 -5.37
N SER B 54 -26.20 -11.66 -4.79
CA SER B 54 -26.47 -10.28 -5.16
C SER B 54 -25.80 -9.83 -6.47
N GLY B 55 -24.88 -10.66 -7.02
CA GLY B 55 -24.10 -10.26 -8.19
C GLY B 55 -22.94 -9.29 -7.85
N THR B 56 -22.68 -9.12 -6.55
CA THR B 56 -21.50 -8.38 -6.14
C THR B 56 -20.20 -9.14 -6.51
N LEU B 57 -20.23 -10.45 -6.26
CA LEU B 57 -19.12 -11.32 -6.58
C LEU B 57 -19.63 -12.16 -7.73
N VAL B 58 -19.00 -12.01 -8.86
CA VAL B 58 -19.40 -12.68 -10.10
C VAL B 58 -18.67 -14.02 -10.25
N THR B 59 -19.47 -15.09 -10.40
CA THR B 59 -18.92 -16.42 -10.65
C THR B 59 -20.01 -17.16 -11.43
N PRO B 60 -19.65 -18.10 -12.31
CA PRO B 60 -20.66 -18.73 -13.18
C PRO B 60 -21.80 -19.42 -12.44
N LEU B 61 -23.01 -19.18 -12.94
CA LEU B 61 -24.21 -19.83 -12.42
C LEU B 61 -24.70 -20.84 -13.46
N PRO B 62 -25.48 -21.85 -13.06
CA PRO B 62 -25.91 -22.15 -11.68
C PRO B 62 -24.75 -22.67 -10.89
N VAL B 63 -24.85 -22.55 -9.58
CA VAL B 63 -23.69 -22.81 -8.72
C VAL B 63 -24.11 -23.39 -7.38
N ILE B 64 -23.23 -24.21 -6.81
CA ILE B 64 -23.33 -24.55 -5.39
C ILE B 64 -22.27 -23.68 -4.68
N ALA B 65 -22.75 -22.71 -3.91
CA ALA B 65 -21.88 -21.82 -3.14
C ALA B 65 -21.44 -22.46 -1.83
N GLY B 66 -20.90 -21.66 -0.93
CA GLY B 66 -20.42 -22.17 0.35
C GLY B 66 -18.91 -22.32 0.30
N HIS B 67 -18.22 -21.74 1.28
CA HIS B 67 -16.76 -21.83 1.30
C HIS B 67 -16.16 -21.86 2.70
N GLU B 68 -17.00 -21.68 3.73
CA GLU B 68 -16.55 -21.66 5.15
C GLU B 68 -17.16 -22.89 5.80
N ALA B 69 -16.39 -23.96 6.00
CA ALA B 69 -17.00 -25.25 6.35
C ALA B 69 -16.03 -26.23 6.96
N ALA B 70 -16.58 -27.33 7.48
CA ALA B 70 -15.80 -28.45 7.94
C ALA B 70 -16.56 -29.73 7.76
N GLY B 71 -15.82 -30.80 7.53
CA GLY B 71 -16.49 -32.08 7.27
C GLY B 71 -15.59 -33.26 7.53
N ILE B 72 -16.00 -34.43 7.02
CA ILE B 72 -15.25 -35.68 7.23
C ILE B 72 -15.03 -36.30 5.86
N VAL B 73 -13.78 -36.70 5.55
CA VAL B 73 -13.50 -37.37 4.28
C VAL B 73 -14.30 -38.67 4.09
N GLU B 74 -15.06 -38.72 3.00
CA GLU B 74 -15.78 -39.95 2.64
C GLU B 74 -14.93 -40.89 1.76
N SER B 75 -14.20 -40.33 0.80
CA SER B 75 -13.29 -41.14 -0.01
C SER B 75 -12.24 -40.26 -0.64
N ILE B 76 -11.17 -40.89 -1.10
CA ILE B 76 -10.09 -40.17 -1.77
C ILE B 76 -9.84 -40.77 -3.14
N GLY B 77 -9.47 -39.90 -4.08
CA GLY B 77 -9.04 -40.33 -5.40
C GLY B 77 -7.65 -40.87 -5.41
N GLU B 78 -7.29 -41.46 -6.54
CA GLU B 78 -5.95 -42.00 -6.75
C GLU B 78 -4.89 -40.93 -6.47
N GLY B 79 -3.86 -41.31 -5.74
CA GLY B 79 -2.73 -40.40 -5.57
C GLY B 79 -2.77 -39.46 -4.39
N VAL B 80 -3.92 -39.36 -3.72
CA VAL B 80 -4.06 -38.47 -2.56
C VAL B 80 -3.19 -39.00 -1.40
N THR B 81 -2.42 -38.13 -0.78
CA THR B 81 -1.50 -38.52 0.28
C THR B 81 -1.68 -37.74 1.58
N THR B 82 -2.49 -36.68 1.58
CA THR B 82 -2.51 -35.74 2.71
C THR B 82 -3.75 -35.85 3.58
N VAL B 83 -4.75 -36.59 3.10
CA VAL B 83 -5.91 -36.93 3.93
C VAL B 83 -6.30 -38.39 3.63
N ARG B 84 -7.07 -38.96 4.55
CA ARG B 84 -7.61 -40.29 4.39
C ARG B 84 -9.12 -40.31 4.75
N PRO B 85 -9.87 -41.31 4.27
CA PRO B 85 -11.26 -41.45 4.67
C PRO B 85 -11.36 -41.45 6.20
N GLY B 86 -12.35 -40.71 6.69
CA GLY B 86 -12.59 -40.56 8.12
C GLY B 86 -11.90 -39.37 8.76
N ASP B 87 -10.94 -38.75 8.07
CA ASP B 87 -10.27 -37.56 8.65
C ASP B 87 -11.23 -36.38 8.69
N LYS B 88 -11.09 -35.54 9.73
CA LYS B 88 -11.75 -34.23 9.76
C LYS B 88 -10.94 -33.28 8.89
N VAL B 89 -11.65 -32.47 8.09
CA VAL B 89 -11.02 -31.57 7.14
C VAL B 89 -11.77 -30.26 7.05
N ILE B 90 -11.03 -29.23 6.65
CA ILE B 90 -11.60 -27.93 6.27
C ILE B 90 -11.23 -27.66 4.81
N PRO B 91 -12.23 -27.46 3.96
CA PRO B 91 -11.94 -27.03 2.58
C PRO B 91 -11.26 -25.66 2.58
N LEU B 92 -10.36 -25.48 1.64
CA LEU B 92 -9.57 -24.26 1.53
C LEU B 92 -10.00 -23.48 0.28
N PHE B 93 -10.74 -22.38 0.48
CA PHE B 93 -11.17 -21.58 -0.67
C PHE B 93 -10.06 -20.88 -1.39
N THR B 94 -8.95 -20.63 -0.68
CA THR B 94 -7.70 -20.24 -1.35
C THR B 94 -6.86 -21.52 -1.28
N PRO B 95 -6.49 -22.12 -2.42
CA PRO B 95 -5.67 -23.35 -2.36
C PRO B 95 -4.23 -23.10 -1.91
N GLN B 96 -3.48 -24.15 -1.65
CA GLN B 96 -2.03 -24.05 -1.46
C GLN B 96 -1.42 -25.21 -2.24
N CYS B 97 -1.10 -24.95 -3.52
CA CYS B 97 -0.51 -26.03 -4.35
C CYS B 97 0.91 -26.42 -3.89
N GLY B 98 1.59 -25.50 -3.17
CA GLY B 98 2.95 -25.74 -2.73
C GLY B 98 4.06 -25.68 -3.75
N LYS B 99 3.71 -25.39 -5.01
CA LYS B 99 4.68 -25.47 -6.11
C LYS B 99 4.83 -24.17 -6.88
N CYS B 100 3.83 -23.28 -6.84
CA CYS B 100 3.87 -22.07 -7.66
C CYS B 100 4.74 -20.99 -7.01
N ARG B 101 5.00 -19.91 -7.72
CA ARG B 101 5.90 -18.89 -7.19
C ARG B 101 5.34 -18.23 -5.92
N VAL B 102 4.03 -18.14 -5.85
CA VAL B 102 3.40 -17.56 -4.69
C VAL B 102 3.50 -18.50 -3.51
N CYS B 103 3.18 -19.78 -3.68
CA CYS B 103 3.32 -20.73 -2.56
C CYS B 103 4.74 -20.80 -2.03
N LYS B 104 5.73 -20.62 -2.94
CA LYS B 104 7.15 -20.66 -2.53
C LYS B 104 7.66 -19.37 -1.91
N HIS B 105 6.87 -18.31 -2.00
CA HIS B 105 7.31 -17.01 -1.52
C HIS B 105 7.04 -16.92 -0.02
N PRO B 106 7.92 -16.33 0.79
CA PRO B 106 7.65 -16.35 2.23
C PRO B 106 6.37 -15.65 2.64
N GLU B 107 5.99 -14.62 1.92
CA GLU B 107 4.83 -13.81 2.34
C GLU B 107 3.54 -14.18 1.61
N GLY B 108 3.63 -14.59 0.36
CA GLY B 108 2.42 -14.73 -0.46
C GLY B 108 1.51 -15.89 -0.05
N ASN B 109 0.20 -15.72 -0.27
CA ASN B 109 -0.74 -16.83 -0.01
C ASN B 109 -1.74 -17.01 -1.14
N PHE B 110 -1.84 -16.03 -2.05
CA PHE B 110 -2.82 -16.12 -3.15
C PHE B 110 -2.30 -17.04 -4.26
N CYS B 111 -2.35 -18.29 -3.99
CA CYS B 111 -1.86 -19.38 -4.84
C CYS B 111 -2.39 -19.25 -6.27
N LEU B 112 -1.50 -19.38 -7.26
CA LEU B 112 -1.93 -19.29 -8.66
C LEU B 112 -2.96 -20.28 -9.14
N LYS B 113 -3.31 -21.25 -8.33
CA LYS B 113 -4.35 -22.22 -8.74
C LYS B 113 -5.73 -21.76 -8.26
N ASN B 114 -5.83 -20.61 -7.64
CA ASN B 114 -7.11 -20.12 -7.14
C ASN B 114 -8.14 -19.96 -8.26
N ASP B 115 -9.42 -19.98 -7.85
CA ASP B 115 -10.52 -19.78 -8.80
C ASP B 115 -11.21 -18.41 -8.51
N LEU B 116 -10.46 -17.46 -7.95
CA LEU B 116 -11.01 -16.16 -7.63
C LEU B 116 -10.72 -15.10 -8.69
N SER B 117 -9.48 -15.05 -9.17
CA SER B 117 -9.10 -14.03 -10.14
C SER B 117 -9.89 -14.08 -11.47
N MET B 118 -10.12 -15.29 -11.96
CA MET B 118 -10.73 -15.45 -13.30
C MET B 118 -11.63 -16.65 -13.13
N PRO B 119 -12.76 -16.45 -12.47
CA PRO B 119 -13.55 -17.59 -11.95
C PRO B 119 -14.10 -18.47 -13.04
N ARG B 120 -13.86 -19.77 -12.91
CA ARG B 120 -14.40 -20.73 -13.87
C ARG B 120 -15.52 -21.55 -13.23
N GLY B 121 -15.55 -21.66 -11.91
CA GLY B 121 -16.56 -22.48 -11.27
C GLY B 121 -16.41 -23.97 -11.56
N THR B 122 -15.17 -24.45 -11.61
CA THR B 122 -14.92 -25.85 -11.84
C THR B 122 -13.91 -26.41 -10.84
N MET B 123 -13.64 -27.72 -10.94
CA MET B 123 -12.44 -28.34 -10.37
C MET B 123 -11.17 -27.86 -11.09
N GLN B 124 -10.00 -28.20 -10.55
CA GLN B 124 -8.74 -27.85 -11.21
C GLN B 124 -8.73 -28.30 -12.68
N ASP B 125 -9.33 -29.46 -12.96
CA ASP B 125 -9.29 -30.01 -14.31
C ASP B 125 -10.31 -29.38 -15.28
N GLY B 126 -11.05 -28.37 -14.83
CA GLY B 126 -11.93 -27.63 -15.74
C GLY B 126 -13.30 -28.26 -15.93
N THR B 127 -13.59 -29.25 -15.12
CA THR B 127 -14.89 -29.92 -15.14
C THR B 127 -15.60 -29.82 -13.81
N SER B 128 -16.85 -30.27 -13.80
CA SER B 128 -17.69 -30.25 -12.60
C SER B 128 -18.01 -31.67 -12.12
N ARG B 129 -18.14 -31.82 -10.81
CA ARG B 129 -18.54 -33.08 -10.18
C ARG B 129 -20.02 -33.08 -9.81
N PHE B 130 -20.76 -32.02 -10.17
CA PHE B 130 -22.15 -31.85 -9.69
C PHE B 130 -23.10 -31.86 -10.87
N THR B 131 -24.20 -32.60 -10.70
CA THR B 131 -25.29 -32.62 -11.70
C THR B 131 -26.57 -32.38 -10.93
N CYS B 132 -27.51 -31.62 -11.51
CA CYS B 132 -28.80 -31.37 -10.86
C CYS B 132 -29.83 -31.25 -11.95
N ARG B 133 -30.87 -32.07 -11.86
CA ARG B 133 -31.90 -32.15 -12.92
C ARG B 133 -31.29 -32.55 -14.26
N GLY B 134 -30.20 -33.30 -14.20
CA GLY B 134 -29.48 -33.70 -15.39
C GLY B 134 -28.58 -32.61 -15.97
N LYS B 135 -28.46 -31.46 -15.30
CA LYS B 135 -27.66 -30.34 -15.82
C LYS B 135 -26.38 -30.20 -14.98
N PRO B 136 -25.22 -29.92 -15.58
CA PRO B 136 -24.01 -29.67 -14.77
C PRO B 136 -24.14 -28.37 -13.96
N ILE B 137 -23.63 -28.39 -12.72
CA ILE B 137 -23.71 -27.23 -11.84
C ILE B 137 -22.29 -26.81 -11.51
N HIS B 138 -22.05 -25.50 -11.46
CA HIS B 138 -20.71 -24.99 -11.18
C HIS B 138 -20.34 -25.19 -9.71
N HIS B 139 -19.02 -25.35 -9.51
CA HIS B 139 -18.41 -25.21 -8.20
C HIS B 139 -18.21 -23.71 -7.85
N PHE B 140 -17.86 -23.44 -6.59
CA PHE B 140 -17.57 -22.09 -6.16
C PHE B 140 -16.27 -22.13 -5.34
N LEU B 141 -15.28 -21.35 -5.80
CA LEU B 141 -13.96 -21.26 -5.15
C LEU B 141 -13.32 -22.63 -4.87
N GLY B 142 -13.66 -23.63 -5.69
CA GLY B 142 -13.12 -24.96 -5.53
C GLY B 142 -13.67 -25.70 -4.32
N THR B 143 -14.63 -25.11 -3.59
CA THR B 143 -15.10 -25.73 -2.34
C THR B 143 -16.56 -26.15 -2.34
N SER B 144 -17.50 -25.28 -2.73
CA SER B 144 -18.93 -25.64 -2.81
C SER B 144 -19.43 -26.41 -1.58
N THR B 145 -19.45 -25.74 -0.44
CA THR B 145 -19.74 -26.41 0.83
C THR B 145 -21.21 -26.42 1.21
N PHE B 146 -22.06 -25.80 0.37
CA PHE B 146 -23.52 -25.84 0.63
C PHE B 146 -24.12 -27.13 0.05
N SER B 147 -23.57 -28.27 0.46
CA SER B 147 -24.01 -29.57 -0.06
C SER B 147 -23.67 -30.61 0.96
N GLN B 148 -24.52 -31.64 1.06
CA GLN B 148 -24.20 -32.71 2.00
C GLN B 148 -22.87 -33.39 1.66
N TYR B 149 -22.53 -33.41 0.36
CA TYR B 149 -21.20 -33.92 -0.07
C TYR B 149 -20.65 -32.97 -1.09
N THR B 150 -19.35 -32.72 -1.02
CA THR B 150 -18.66 -31.99 -2.07
C THR B 150 -17.41 -32.76 -2.47
N VAL B 151 -16.84 -32.38 -3.61
CA VAL B 151 -15.55 -32.93 -4.05
C VAL B 151 -14.63 -31.74 -4.25
N VAL B 152 -13.41 -31.82 -3.70
CA VAL B 152 -12.44 -30.75 -3.83
C VAL B 152 -11.10 -31.31 -4.28
N ASP B 153 -10.31 -30.49 -4.94
CA ASP B 153 -8.94 -30.88 -5.23
C ASP B 153 -8.14 -31.02 -3.94
N GLU B 154 -7.13 -31.88 -3.95
CA GLU B 154 -6.31 -32.08 -2.73
C GLU B 154 -5.66 -30.79 -2.25
N ILE B 155 -5.24 -29.94 -3.17
CA ILE B 155 -4.62 -28.66 -2.76
C ILE B 155 -5.60 -27.71 -2.10
N SER B 156 -6.90 -28.05 -2.10
CA SER B 156 -7.95 -27.24 -1.49
C SER B 156 -8.58 -27.92 -0.26
N VAL B 157 -7.80 -28.74 0.44
CA VAL B 157 -8.30 -29.33 1.67
C VAL B 157 -7.20 -29.52 2.66
N ALA B 158 -7.49 -29.27 3.93
CA ALA B 158 -6.53 -29.52 5.02
C ALA B 158 -7.09 -30.48 6.06
N LYS B 159 -6.25 -31.43 6.45
CA LYS B 159 -6.54 -32.30 7.57
C LYS B 159 -6.40 -31.52 8.87
N ILE B 160 -7.38 -31.68 9.75
CA ILE B 160 -7.35 -31.04 11.08
C ILE B 160 -7.51 -32.07 12.20
N ASP B 161 -7.29 -31.61 13.44
CA ASP B 161 -7.34 -32.43 14.65
C ASP B 161 -8.59 -33.30 14.66
N ALA B 162 -8.38 -34.60 14.89
CA ALA B 162 -9.50 -35.55 14.99
C ALA B 162 -10.57 -35.24 16.05
N ALA B 163 -10.18 -34.51 17.09
CA ALA B 163 -11.06 -34.16 18.19
C ALA B 163 -11.73 -32.78 18.02
N SER B 164 -11.49 -32.10 16.91
CA SER B 164 -12.02 -30.77 16.84
C SER B 164 -13.53 -30.67 16.62
N PRO B 165 -14.14 -29.64 17.21
CA PRO B 165 -15.60 -29.51 17.10
C PRO B 165 -15.94 -28.82 15.79
N LEU B 166 -16.45 -29.58 14.85
CA LEU B 166 -16.60 -29.04 13.50
C LEU B 166 -17.59 -27.90 13.38
N GLU B 167 -18.58 -27.88 14.27
CA GLU B 167 -19.59 -26.81 14.27
C GLU B 167 -19.01 -25.48 14.75
N LYS B 168 -17.80 -25.52 15.33
CA LYS B 168 -17.08 -24.29 15.65
C LYS B 168 -15.98 -24.02 14.65
N VAL B 169 -15.13 -25.03 14.36
CA VAL B 169 -13.90 -24.73 13.63
C VAL B 169 -14.17 -24.46 12.14
N CYS B 170 -15.39 -24.70 11.63
CA CYS B 170 -15.69 -24.28 10.26
C CYS B 170 -15.34 -22.79 10.07
N LEU B 171 -15.44 -21.99 11.13
CA LEU B 171 -15.15 -20.56 11.00
C LEU B 171 -13.67 -20.28 10.63
N ILE B 172 -12.79 -21.22 10.97
CA ILE B 172 -11.39 -21.12 10.58
C ILE B 172 -11.23 -21.25 9.08
N GLY B 173 -12.25 -21.83 8.43
CA GLY B 173 -12.22 -21.87 6.97
C GLY B 173 -12.50 -20.56 6.28
N CYS B 174 -13.00 -19.55 7.01
CA CYS B 174 -13.06 -18.23 6.39
C CYS B 174 -13.03 -17.08 7.38
N GLY B 175 -14.13 -16.82 8.06
CA GLY B 175 -14.29 -15.49 8.63
C GLY B 175 -13.28 -15.20 9.76
N PHE B 176 -13.04 -16.16 10.65
CA PHE B 176 -12.10 -15.91 11.73
C PHE B 176 -10.69 -15.71 11.18
N SER B 177 -10.20 -16.65 10.37
CA SER B 177 -8.83 -16.58 9.89
C SER B 177 -8.62 -15.32 9.04
N THR B 178 -9.62 -14.99 8.22
CA THR B 178 -9.49 -13.78 7.41
C THR B 178 -9.30 -12.54 8.25
N GLY B 179 -10.18 -12.34 9.22
CA GLY B 179 -10.09 -11.12 10.00
C GLY B 179 -8.85 -11.12 10.88
N TYR B 180 -8.64 -12.22 11.59
CA TYR B 180 -7.54 -12.28 12.54
C TYR B 180 -6.20 -12.11 11.80
N GLY B 181 -5.98 -12.86 10.71
CA GLY B 181 -4.76 -12.72 9.94
C GLY B 181 -4.61 -11.31 9.34
N SER B 182 -5.71 -10.68 8.91
CA SER B 182 -5.56 -9.31 8.38
C SER B 182 -4.90 -8.39 9.41
N ALA B 183 -5.21 -8.60 10.68
CA ALA B 183 -4.58 -7.81 11.74
C ALA B 183 -3.17 -8.28 12.06
N VAL B 184 -3.01 -9.58 12.32
CA VAL B 184 -1.71 -10.07 12.89
C VAL B 184 -0.62 -10.38 11.90
N LYS B 185 -1.04 -10.72 10.69
CA LYS B 185 -0.09 -11.11 9.63
C LYS B 185 0.07 -10.03 8.55
N VAL B 186 -1.07 -9.47 8.09
CA VAL B 186 -1.05 -8.52 6.97
C VAL B 186 -0.69 -7.10 7.43
N ALA B 187 -1.48 -6.53 8.33
CA ALA B 187 -1.18 -5.21 8.91
C ALA B 187 0.05 -5.32 9.82
N LYS B 188 0.19 -6.44 10.55
CA LYS B 188 1.22 -6.54 11.62
C LYS B 188 1.03 -5.47 12.68
N VAL B 189 -0.18 -5.40 13.23
CA VAL B 189 -0.54 -4.46 14.30
C VAL B 189 0.47 -4.54 15.44
N THR B 190 0.90 -3.37 15.94
CA THR B 190 1.88 -3.32 17.01
C THR B 190 1.30 -2.99 18.38
N GLN B 191 2.08 -3.36 19.41
CA GLN B 191 1.65 -3.11 20.76
C GLN B 191 1.52 -1.60 20.98
N GLY B 192 0.43 -1.19 21.62
CA GLY B 192 0.20 0.20 21.98
C GLY B 192 -0.38 1.07 20.91
N SER B 193 -0.65 0.48 19.72
CA SER B 193 -1.15 1.24 18.58
C SER B 193 -2.64 1.53 18.64
N THR B 194 -3.09 2.45 17.79
CA THR B 194 -4.52 2.74 17.61
C THR B 194 -4.98 2.17 16.30
N CYS B 195 -6.05 1.38 16.36
CA CYS B 195 -6.60 0.71 15.16
C CYS B 195 -8.03 1.23 14.94
N ALA B 196 -8.45 1.32 13.70
CA ALA B 196 -9.86 1.57 13.34
C ALA B 196 -10.31 0.44 12.45
N VAL B 197 -11.47 -0.12 12.77
CA VAL B 197 -12.02 -1.28 12.03
C VAL B 197 -13.37 -0.88 11.48
N PHE B 198 -13.48 -0.82 10.14
CA PHE B 198 -14.72 -0.47 9.46
C PHE B 198 -15.49 -1.75 9.12
N GLY B 199 -16.68 -1.91 9.73
CA GLY B 199 -17.50 -3.09 9.56
C GLY B 199 -17.32 -4.06 10.70
N LEU B 200 -18.41 -4.33 11.43
CA LEU B 200 -18.35 -5.14 12.64
C LEU B 200 -19.16 -6.41 12.51
N GLY B 201 -19.09 -7.02 11.33
CA GLY B 201 -19.58 -8.37 11.09
C GLY B 201 -18.62 -9.45 11.56
N GLY B 202 -18.82 -10.68 11.09
CA GLY B 202 -17.96 -11.79 11.47
C GLY B 202 -16.49 -11.54 11.22
N VAL B 203 -16.19 -11.01 10.04
CA VAL B 203 -14.80 -10.75 9.73
C VAL B 203 -14.26 -9.53 10.52
N GLY B 204 -15.04 -8.44 10.62
CA GLY B 204 -14.56 -7.26 11.38
C GLY B 204 -14.32 -7.56 12.85
N LEU B 205 -15.17 -8.40 13.41
CA LEU B 205 -14.97 -8.81 14.82
C LEU B 205 -13.70 -9.63 14.95
N SER B 206 -13.38 -10.44 13.93
CA SER B 206 -12.13 -11.22 13.93
C SER B 206 -10.89 -10.33 13.77
N VAL B 207 -11.04 -9.23 13.03
CA VAL B 207 -9.96 -8.24 12.97
C VAL B 207 -9.76 -7.62 14.37
N ILE B 208 -10.86 -7.27 15.06
CA ILE B 208 -10.75 -6.74 16.42
C ILE B 208 -10.04 -7.73 17.31
N MET B 209 -10.43 -9.01 17.25
CA MET B 209 -9.71 -10.05 18.01
C MET B 209 -8.21 -10.02 17.78
N GLY B 210 -7.82 -9.94 16.53
CA GLY B 210 -6.41 -9.85 16.16
C GLY B 210 -5.71 -8.60 16.64
N CYS B 211 -6.37 -7.46 16.51
CA CYS B 211 -5.79 -6.23 17.03
C CYS B 211 -5.56 -6.30 18.54
N LYS B 212 -6.51 -6.86 19.26
CA LYS B 212 -6.38 -7.00 20.71
C LYS B 212 -5.25 -7.98 21.04
N ALA B 213 -5.20 -9.10 20.30
CA ALA B 213 -4.15 -10.10 20.50
C ALA B 213 -2.75 -9.52 20.27
N ALA B 214 -2.67 -8.59 19.32
CA ALA B 214 -1.41 -7.93 18.98
C ALA B 214 -1.07 -6.80 19.96
N GLY B 215 -1.95 -6.50 20.92
CA GLY B 215 -1.63 -5.53 21.95
C GLY B 215 -2.00 -4.07 21.62
N ALA B 216 -2.91 -3.83 20.66
CA ALA B 216 -3.34 -2.44 20.38
C ALA B 216 -3.90 -1.81 21.64
N ALA B 217 -3.58 -0.53 21.85
CA ALA B 217 -4.12 0.22 22.99
C ALA B 217 -5.56 0.72 22.77
N ARG B 218 -5.88 1.04 21.51
CA ARG B 218 -7.20 1.59 21.17
C ARG B 218 -7.65 0.88 19.93
N ILE B 219 -8.90 0.43 19.94
CA ILE B 219 -9.50 -0.23 18.79
C ILE B 219 -10.86 0.37 18.56
N ILE B 220 -10.98 1.20 17.52
CA ILE B 220 -12.22 1.94 17.30
C ILE B 220 -13.04 1.20 16.25
N GLY B 221 -14.21 0.70 16.63
CA GLY B 221 -15.09 0.03 15.66
C GLY B 221 -15.98 1.05 14.98
N VAL B 222 -16.21 0.87 13.68
CA VAL B 222 -17.00 1.78 12.91
C VAL B 222 -18.08 0.97 12.20
N ASP B 223 -19.33 1.30 12.45
CA ASP B 223 -20.43 0.64 11.76
C ASP B 223 -21.61 1.58 11.72
N ILE B 224 -22.40 1.51 10.66
CA ILE B 224 -23.67 2.26 10.63
C ILE B 224 -24.84 1.57 11.36
N ASN B 225 -24.62 0.32 11.80
CA ASN B 225 -25.59 -0.40 12.60
C ASN B 225 -25.12 -0.45 14.04
N LYS B 226 -25.70 0.40 14.90
CA LYS B 226 -25.21 0.50 16.28
C LYS B 226 -25.49 -0.78 17.05
N ASP B 227 -26.39 -1.64 16.53
CA ASP B 227 -26.63 -2.90 17.20
C ASP B 227 -25.39 -3.81 17.21
N LYS B 228 -24.40 -3.49 16.36
CA LYS B 228 -23.17 -4.28 16.26
C LYS B 228 -22.14 -3.88 17.33
N PHE B 229 -22.41 -2.80 18.06
CA PHE B 229 -21.37 -2.24 18.90
C PHE B 229 -21.12 -3.04 20.18
N ALA B 230 -22.17 -3.62 20.77
CA ALA B 230 -21.98 -4.32 22.02
C ALA B 230 -21.03 -5.52 21.90
N LYS B 231 -21.23 -6.31 20.86
CA LYS B 231 -20.33 -7.45 20.65
C LYS B 231 -18.92 -6.99 20.27
N ALA B 232 -18.81 -5.90 19.51
CA ALA B 232 -17.47 -5.40 19.16
C ALA B 232 -16.69 -5.06 20.42
N LYS B 233 -17.37 -4.40 21.35
CA LYS B 233 -16.73 -4.07 22.64
C LYS B 233 -16.37 -5.35 23.41
N GLU B 234 -17.25 -6.36 23.37
CA GLU B 234 -16.94 -7.60 24.09
C GLU B 234 -15.64 -8.24 23.61
N VAL B 235 -15.35 -8.19 22.31
CA VAL B 235 -14.14 -8.85 21.81
C VAL B 235 -12.93 -7.92 21.73
N GLY B 236 -13.10 -6.66 22.16
CA GLY B 236 -11.93 -5.80 22.31
C GLY B 236 -12.05 -4.36 21.83
N ALA B 237 -13.13 -3.93 21.16
CA ALA B 237 -13.18 -2.52 20.76
C ALA B 237 -13.18 -1.65 21.99
N THR B 238 -12.42 -0.54 21.96
CA THR B 238 -12.44 0.38 23.10
C THR B 238 -13.49 1.48 22.99
N GLU B 239 -13.99 1.68 21.78
CA GLU B 239 -14.98 2.71 21.48
C GLU B 239 -15.56 2.32 20.14
N CYS B 240 -16.79 2.74 19.90
CA CYS B 240 -17.41 2.50 18.60
C CYS B 240 -18.07 3.80 18.13
N VAL B 241 -18.06 4.00 16.81
CA VAL B 241 -18.63 5.21 16.27
C VAL B 241 -19.51 4.87 15.08
N ASN B 242 -20.64 5.56 14.99
CA ASN B 242 -21.53 5.39 13.84
C ASN B 242 -21.42 6.62 12.94
N PRO B 243 -20.90 6.50 11.71
CA PRO B 243 -20.75 7.68 10.83
C PRO B 243 -22.04 8.51 10.70
N GLN B 244 -23.18 7.85 10.90
CA GLN B 244 -24.49 8.48 10.72
C GLN B 244 -24.76 9.55 11.78
N ASP B 245 -23.98 9.49 12.86
CA ASP B 245 -24.20 10.40 13.99
C ASP B 245 -23.49 11.73 13.79
N TYR B 246 -22.63 11.82 12.77
CA TYR B 246 -21.74 12.98 12.61
C TYR B 246 -22.09 13.82 11.42
N LYS B 247 -21.86 15.12 11.55
CA LYS B 247 -21.95 16.04 10.42
C LYS B 247 -20.70 15.98 9.53
N LYS B 248 -19.57 15.65 10.13
CA LYS B 248 -18.32 15.65 9.39
C LYS B 248 -18.08 14.25 8.83
N PRO B 249 -17.30 14.11 7.77
CA PRO B 249 -16.97 12.76 7.28
C PRO B 249 -16.18 12.00 8.33
N ILE B 250 -16.38 10.70 8.40
CA ILE B 250 -15.82 9.96 9.49
C ILE B 250 -14.29 9.91 9.43
N GLN B 251 -13.66 10.09 8.25
CA GLN B 251 -12.20 10.14 8.26
C GLN B 251 -11.70 11.32 9.12
N GLU B 252 -12.44 12.42 9.09
CA GLU B 252 -12.10 13.62 9.87
C GLU B 252 -12.31 13.34 11.35
N VAL B 253 -13.43 12.71 11.68
CA VAL B 253 -13.70 12.33 13.07
C VAL B 253 -12.61 11.42 13.62
N LEU B 254 -12.25 10.40 12.83
CA LEU B 254 -11.25 9.43 13.28
C LEU B 254 -9.87 10.04 13.42
N THR B 255 -9.54 10.94 12.49
CA THR B 255 -8.25 11.66 12.58
C THR B 255 -8.22 12.52 13.86
N GLU B 256 -9.34 13.16 14.19
CA GLU B 256 -9.43 13.99 15.40
C GLU B 256 -9.28 13.12 16.65
N MET B 257 -9.98 11.98 16.65
CA MET B 257 -10.01 11.10 17.81
C MET B 257 -8.63 10.53 18.13
N SER B 258 -7.86 10.30 17.08
CA SER B 258 -6.55 9.67 17.20
C SER B 258 -5.41 10.69 17.23
N ASN B 259 -5.76 11.96 17.42
CA ASN B 259 -4.77 13.04 17.47
C ASN B 259 -3.86 13.05 16.25
N GLY B 260 -4.48 12.88 15.07
CA GLY B 260 -3.74 13.02 13.83
C GLY B 260 -3.73 11.83 12.91
N GLY B 261 -4.52 10.79 13.22
CA GLY B 261 -4.67 9.63 12.35
C GLY B 261 -4.31 8.36 13.06
N VAL B 262 -4.92 7.26 12.63
CA VAL B 262 -4.67 6.00 13.32
C VAL B 262 -3.43 5.27 12.81
N ASP B 263 -2.92 4.32 13.58
CA ASP B 263 -1.77 3.51 13.13
C ASP B 263 -2.17 2.51 12.06
N PHE B 264 -3.32 1.86 12.28
CA PHE B 264 -3.80 0.82 11.37
C PHE B 264 -5.26 0.96 11.14
N SER B 265 -5.70 0.95 9.89
CA SER B 265 -7.14 0.87 9.64
C SER B 265 -7.46 -0.32 8.74
N PHE B 266 -8.71 -0.75 8.82
CA PHE B 266 -9.16 -1.95 8.10
C PHE B 266 -10.50 -1.67 7.48
N GLU B 267 -10.63 -1.92 6.18
CA GLU B 267 -11.96 -1.87 5.55
C GLU B 267 -12.49 -3.29 5.52
N VAL B 268 -13.60 -3.53 6.19
CA VAL B 268 -14.13 -4.90 6.36
C VAL B 268 -15.63 -4.90 6.02
N ILE B 269 -15.95 -4.19 4.94
CA ILE B 269 -17.34 -4.00 4.50
C ILE B 269 -17.50 -4.42 3.04
N GLY B 270 -16.70 -3.83 2.17
CA GLY B 270 -16.81 -4.00 0.72
C GLY B 270 -17.44 -2.82 -0.04
N ARG B 271 -17.14 -1.61 0.34
CA ARG B 271 -17.59 -0.42 -0.39
C ARG B 271 -16.40 0.37 -0.84
N LEU B 272 -16.48 0.91 -2.05
CA LEU B 272 -15.39 1.73 -2.57
C LEU B 272 -15.16 2.96 -1.69
N ASP B 273 -16.25 3.60 -1.26
CA ASP B 273 -16.07 4.83 -0.49
C ASP B 273 -15.38 4.60 0.87
N THR B 274 -15.77 3.55 1.57
CA THR B 274 -15.12 3.26 2.84
C THR B 274 -13.70 2.74 2.65
N MET B 275 -13.38 2.13 1.51
CA MET B 275 -11.96 1.82 1.27
C MET B 275 -11.12 3.11 1.26
N VAL B 276 -11.64 4.18 0.63
CA VAL B 276 -10.88 5.43 0.56
C VAL B 276 -10.88 6.14 1.92
N THR B 277 -12.04 6.16 2.59
CA THR B 277 -12.15 6.73 3.94
C THR B 277 -11.19 6.04 4.91
N ALA B 278 -11.17 4.70 4.88
CA ALA B 278 -10.27 3.98 5.78
C ALA B 278 -8.79 4.30 5.48
N LEU B 279 -8.41 4.43 4.20
CA LEU B 279 -7.02 4.86 3.94
C LEU B 279 -6.75 6.26 4.50
N SER B 280 -7.66 7.20 4.23
CA SER B 280 -7.53 8.58 4.67
C SER B 280 -7.37 8.69 6.18
N CYS B 281 -8.08 7.88 6.95
CA CYS B 281 -8.05 8.03 8.42
C CYS B 281 -6.79 7.50 9.07
N CYS B 282 -5.95 6.78 8.35
CA CYS B 282 -4.67 6.39 8.95
C CYS B 282 -3.66 7.55 8.82
N GLN B 283 -2.72 7.61 9.76
CA GLN B 283 -1.80 8.73 9.82
C GLN B 283 -1.00 8.85 8.51
N GLU B 284 -0.91 10.07 8.01
CA GLU B 284 -0.45 10.32 6.64
C GLU B 284 0.99 9.94 6.35
N ALA B 285 1.82 9.92 7.39
CA ALA B 285 3.24 9.61 7.21
C ALA B 285 3.60 8.15 7.43
N TYR B 286 2.89 7.45 8.31
CA TYR B 286 3.32 6.10 8.69
C TYR B 286 2.15 5.12 8.88
N GLY B 287 0.94 5.59 8.62
CA GLY B 287 -0.26 4.75 8.79
C GLY B 287 -0.30 3.61 7.75
N VAL B 288 -1.01 2.55 8.11
CA VAL B 288 -1.21 1.40 7.21
C VAL B 288 -2.70 1.12 7.15
N SER B 289 -3.24 0.97 5.96
CA SER B 289 -4.65 0.59 5.78
C SER B 289 -4.74 -0.72 5.00
N VAL B 290 -5.56 -1.65 5.50
CA VAL B 290 -5.75 -2.95 4.86
C VAL B 290 -7.18 -3.13 4.37
N ILE B 291 -7.33 -3.37 3.08
CA ILE B 291 -8.66 -3.70 2.48
C ILE B 291 -8.88 -5.20 2.68
N VAL B 292 -9.99 -5.51 3.34
CA VAL B 292 -10.46 -6.89 3.52
C VAL B 292 -11.80 -7.09 2.81
N GLY B 293 -12.64 -6.06 2.74
CA GLY B 293 -13.95 -6.27 2.12
C GLY B 293 -13.86 -6.52 0.61
N VAL B 294 -14.86 -7.18 0.08
CA VAL B 294 -14.91 -7.51 -1.36
C VAL B 294 -15.80 -6.49 -2.03
N PRO B 295 -15.22 -5.76 -2.99
CA PRO B 295 -15.87 -4.68 -3.67
C PRO B 295 -16.83 -5.21 -4.77
N PRO B 296 -17.77 -4.39 -5.25
CA PRO B 296 -18.67 -4.83 -6.31
C PRO B 296 -17.91 -5.03 -7.59
N ASP B 297 -18.30 -6.08 -8.28
CA ASP B 297 -17.55 -6.55 -9.42
C ASP B 297 -17.24 -5.46 -10.45
N SER B 298 -15.98 -5.37 -10.86
CA SER B 298 -15.52 -4.53 -11.99
C SER B 298 -15.63 -3.03 -11.77
N GLN B 299 -15.92 -2.58 -10.54
CA GLN B 299 -16.01 -1.15 -10.27
C GLN B 299 -14.69 -0.60 -9.73
N ASN B 300 -14.32 0.57 -10.21
CA ASN B 300 -13.10 1.23 -9.74
C ASN B 300 -13.41 2.31 -8.70
N LEU B 301 -12.49 2.48 -7.75
CA LEU B 301 -12.56 3.59 -6.82
C LEU B 301 -11.77 4.77 -7.38
N SER B 302 -12.02 5.93 -6.79
CA SER B 302 -11.27 7.13 -7.15
C SER B 302 -10.56 7.64 -5.91
N MET B 303 -9.28 7.99 -6.02
CA MET B 303 -8.56 8.52 -4.85
C MET B 303 -7.44 9.44 -5.29
N ASN B 304 -7.00 10.27 -4.35
CA ASN B 304 -5.92 11.21 -4.61
C ASN B 304 -4.58 10.54 -4.16
N PRO B 305 -3.64 10.31 -5.08
CA PRO B 305 -2.39 9.61 -4.71
C PRO B 305 -1.51 10.36 -3.72
N MET B 306 -1.82 11.63 -3.47
CA MET B 306 -1.11 12.34 -2.38
C MET B 306 -1.30 11.67 -1.05
N LEU B 307 -2.41 10.91 -0.92
CA LEU B 307 -2.62 10.15 0.34
C LEU B 307 -1.50 9.15 0.54
N LEU B 308 -0.97 8.61 -0.56
CA LEU B 308 0.14 7.67 -0.47
C LEU B 308 1.51 8.36 -0.44
N LEU B 309 1.65 9.44 -1.21
CA LEU B 309 2.96 10.11 -1.32
C LEU B 309 3.50 10.58 0.03
N SER B 310 2.60 10.99 0.93
CA SER B 310 3.06 11.42 2.27
C SER B 310 3.67 10.30 3.09
N GLY B 311 3.34 9.06 2.76
CA GLY B 311 3.95 7.93 3.47
C GLY B 311 3.01 6.79 3.82
N ARG B 312 1.69 6.93 3.60
CA ARG B 312 0.79 5.79 3.93
C ARG B 312 1.14 4.54 3.13
N THR B 313 0.79 3.41 3.72
CA THR B 313 0.85 2.08 3.07
C THR B 313 -0.56 1.56 2.93
N TRP B 314 -0.92 1.09 1.74
CA TRP B 314 -2.25 0.55 1.46
C TRP B 314 -2.04 -0.86 0.94
N LYS B 315 -2.73 -1.83 1.53
CA LYS B 315 -2.64 -3.17 1.01
C LYS B 315 -3.95 -3.92 1.15
N GLY B 316 -4.06 -5.07 0.53
CA GLY B 316 -5.22 -5.93 0.77
C GLY B 316 -4.78 -7.37 0.93
N ALA B 317 -5.72 -8.27 1.26
CA ALA B 317 -5.37 -9.68 1.36
C ALA B 317 -6.62 -10.54 1.29
N ILE B 318 -6.42 -11.76 0.80
CA ILE B 318 -7.42 -12.82 0.86
C ILE B 318 -7.04 -13.72 2.01
N PHE B 319 -8.04 -14.13 2.79
CA PHE B 319 -7.86 -15.17 3.83
C PHE B 319 -6.77 -14.76 4.84
N GLY B 320 -6.75 -13.46 5.17
CA GLY B 320 -5.88 -12.95 6.24
C GLY B 320 -4.39 -13.13 5.95
N GLY B 321 -4.03 -13.37 4.68
CA GLY B 321 -2.64 -13.58 4.27
C GLY B 321 -2.08 -14.94 4.61
N PHE B 322 -2.92 -15.82 5.19
CA PHE B 322 -2.45 -17.14 5.59
C PHE B 322 -2.24 -18.09 4.41
N LYS B 323 -1.07 -18.73 4.36
CA LYS B 323 -0.91 -19.87 3.45
C LYS B 323 -1.86 -20.96 3.96
N SER B 324 -2.82 -21.32 3.12
CA SER B 324 -3.99 -21.94 3.73
C SER B 324 -3.77 -23.34 4.31
N LYS B 325 -3.08 -24.19 3.56
CA LYS B 325 -2.98 -25.59 3.96
C LYS B 325 -2.00 -25.73 5.15
N ASP B 326 -0.98 -24.88 5.19
CA ASP B 326 -0.08 -24.88 6.34
C ASP B 326 -0.79 -24.32 7.56
N SER B 327 -1.59 -23.28 7.36
CA SER B 327 -2.07 -22.50 8.49
C SER B 327 -3.33 -23.06 9.15
N VAL B 328 -4.27 -23.58 8.35
CA VAL B 328 -5.53 -24.05 8.93
C VAL B 328 -5.37 -25.09 10.05
N PRO B 329 -4.55 -26.14 9.86
CA PRO B 329 -4.40 -27.10 10.97
C PRO B 329 -3.79 -26.48 12.22
N LYS B 330 -2.84 -25.56 12.03
CA LYS B 330 -2.24 -24.87 13.19
C LYS B 330 -3.28 -23.98 13.91
N LEU B 331 -4.11 -23.27 13.14
CA LEU B 331 -5.16 -22.45 13.75
C LEU B 331 -6.13 -23.33 14.54
N VAL B 332 -6.53 -24.48 13.98
CA VAL B 332 -7.38 -25.39 14.74
C VAL B 332 -6.67 -25.85 16.03
N ALA B 333 -5.37 -26.20 15.96
CA ALA B 333 -4.63 -26.65 17.15
C ALA B 333 -4.66 -25.52 18.18
N ASP B 334 -4.48 -24.27 17.74
CA ASP B 334 -4.48 -23.15 18.68
C ASP B 334 -5.86 -22.94 19.29
N PHE B 335 -6.91 -23.11 18.49
CA PHE B 335 -8.26 -23.01 19.03
C PHE B 335 -8.47 -24.07 20.12
N MET B 336 -8.01 -25.31 19.86
CA MET B 336 -8.18 -26.37 20.82
C MET B 336 -7.45 -26.09 22.12
N ALA B 337 -6.40 -25.28 22.03
CA ALA B 337 -5.61 -24.88 23.21
C ALA B 337 -6.07 -23.52 23.75
N LYS B 338 -7.25 -23.08 23.29
CA LYS B 338 -7.88 -21.86 23.81
C LYS B 338 -7.08 -20.60 23.59
N LYS B 339 -6.38 -20.55 22.47
CA LYS B 339 -5.61 -19.36 22.15
C LYS B 339 -6.45 -18.20 21.58
N PHE B 340 -7.63 -18.53 21.04
CA PHE B 340 -8.62 -17.54 20.66
C PHE B 340 -10.00 -18.22 20.80
N ALA B 341 -11.05 -17.41 20.74
CA ALA B 341 -12.44 -17.88 20.92
C ALA B 341 -13.20 -17.72 19.60
N LEU B 342 -14.06 -18.66 19.30
CA LEU B 342 -14.94 -18.61 18.13
C LEU B 342 -16.39 -18.33 18.50
N ASP B 343 -16.79 -18.72 19.72
CA ASP B 343 -18.20 -18.51 20.13
C ASP B 343 -18.74 -17.07 19.96
N PRO B 344 -17.95 -16.01 20.19
CA PRO B 344 -18.48 -14.66 20.00
C PRO B 344 -18.97 -14.37 18.59
N LEU B 345 -18.47 -15.12 17.62
CA LEU B 345 -18.89 -14.96 16.23
C LEU B 345 -20.21 -15.65 15.91
N ILE B 346 -20.59 -16.62 16.73
CA ILE B 346 -21.73 -17.47 16.34
C ILE B 346 -22.95 -16.94 17.09
N THR B 347 -23.88 -16.37 16.32
CA THR B 347 -25.07 -15.81 16.94
C THR B 347 -26.29 -16.64 16.71
N HIS B 348 -26.23 -17.55 15.73
CA HIS B 348 -27.41 -18.35 15.34
C HIS B 348 -26.94 -19.70 14.85
N VAL B 349 -27.73 -20.73 15.11
CA VAL B 349 -27.49 -22.07 14.59
C VAL B 349 -28.80 -22.55 13.92
N LEU B 350 -28.67 -23.14 12.73
CA LEU B 350 -29.82 -23.64 11.97
C LEU B 350 -29.45 -24.94 11.29
N PRO B 351 -30.43 -25.79 10.98
CA PRO B 351 -30.16 -26.93 10.09
C PRO B 351 -29.96 -26.41 8.67
N PHE B 352 -29.12 -27.12 7.90
CA PHE B 352 -28.83 -26.79 6.53
C PHE B 352 -30.11 -26.50 5.74
N GLU B 353 -31.16 -27.25 6.05
CA GLU B 353 -32.42 -27.08 5.35
C GLU B 353 -33.04 -25.68 5.51
N LYS B 354 -32.61 -24.93 6.53
CA LYS B 354 -33.10 -23.57 6.73
C LYS B 354 -32.07 -22.53 6.25
N ILE B 355 -31.28 -22.91 5.24
CA ILE B 355 -30.27 -21.98 4.70
C ILE B 355 -30.86 -20.64 4.30
N ASN B 356 -32.06 -20.63 3.66
CA ASN B 356 -32.61 -19.34 3.28
C ASN B 356 -32.91 -18.43 4.50
N GLU B 357 -33.43 -19.01 5.58
CA GLU B 357 -33.64 -18.25 6.84
C GLU B 357 -32.30 -17.67 7.33
N GLY B 358 -31.24 -18.46 7.17
CA GLY B 358 -29.92 -17.99 7.57
C GLY B 358 -29.46 -16.77 6.77
N PHE B 359 -29.73 -16.79 5.47
CA PHE B 359 -29.44 -15.64 4.65
C PHE B 359 -30.32 -14.44 5.01
N ASP B 360 -31.58 -14.69 5.38
CA ASP B 360 -32.45 -13.59 5.79
C ASP B 360 -31.88 -12.93 7.04
N LEU B 361 -31.35 -13.73 7.95
CA LEU B 361 -30.80 -13.17 9.18
C LEU B 361 -29.58 -12.29 8.88
N LEU B 362 -28.76 -12.71 7.93
CA LEU B 362 -27.56 -11.91 7.59
C LEU B 362 -28.04 -10.58 6.98
N ARG B 363 -28.93 -10.67 6.02
CA ARG B 363 -29.35 -9.47 5.31
C ARG B 363 -30.10 -8.47 6.16
N SER B 364 -30.81 -8.96 7.18
CA SER B 364 -31.54 -8.05 8.07
C SER B 364 -30.64 -7.30 9.03
N GLY B 365 -29.38 -7.71 9.11
CA GLY B 365 -28.47 -7.15 10.10
C GLY B 365 -28.46 -7.87 11.44
N GLU B 366 -29.29 -8.90 11.61
CA GLU B 366 -29.46 -9.52 12.91
C GLU B 366 -28.32 -10.44 13.30
N SER B 367 -27.70 -11.10 12.34
CA SER B 367 -26.75 -12.15 12.70
C SER B 367 -25.33 -11.65 12.49
N ILE B 368 -24.41 -12.36 13.14
CA ILE B 368 -23.00 -12.27 12.75
C ILE B 368 -22.77 -13.53 11.92
N ARG B 369 -22.46 -14.67 12.54
CA ARG B 369 -22.41 -15.95 11.80
C ARG B 369 -23.53 -16.87 12.24
N THR B 370 -24.26 -17.38 11.25
CA THR B 370 -25.16 -18.51 11.41
C THR B 370 -24.33 -19.71 10.95
N ILE B 371 -24.27 -20.75 11.79
CA ILE B 371 -23.69 -22.03 11.42
C ILE B 371 -24.80 -23.00 11.05
N LEU B 372 -24.70 -23.60 9.86
CA LEU B 372 -25.67 -24.57 9.35
C LEU B 372 -25.11 -25.98 9.58
N THR B 373 -25.95 -26.88 10.11
CA THR B 373 -25.55 -28.25 10.39
C THR B 373 -26.25 -29.19 9.44
N PHE B 374 -25.48 -30.12 8.88
CA PHE B 374 -26.04 -31.12 7.96
C PHE B 374 -26.64 -32.33 8.64
ZN ZN C . 13.20 17.49 -5.49
ZN ZN D . 8.53 16.78 13.33
PA NAJ E . 12.72 13.95 -14.67
O1A NAJ E . 11.85 14.81 -15.51
O2A NAJ E . 14.18 14.15 -14.79
O5B NAJ E . 12.47 12.42 -15.04
C5B NAJ E . 11.16 11.96 -15.46
C4B NAJ E . 11.36 10.86 -16.49
O4B NAJ E . 10.03 10.33 -16.77
C3B NAJ E . 11.93 11.38 -17.82
O3B NAJ E . 13.08 10.67 -18.21
C2B NAJ E . 10.77 11.18 -18.83
O2B NAJ E . 11.16 10.84 -20.14
C1B NAJ E . 9.98 10.04 -18.13
N9A NAJ E . 8.60 9.93 -18.60
C8A NAJ E . 7.75 10.97 -18.82
N7A NAJ E . 6.54 10.55 -19.20
C5A NAJ E . 6.63 9.17 -19.21
C6A NAJ E . 5.68 8.15 -19.54
N6A NAJ E . 4.45 8.36 -19.95
N1A NAJ E . 6.19 6.88 -19.40
C2A NAJ E . 7.46 6.58 -19.01
N3A NAJ E . 8.37 7.51 -18.71
C4A NAJ E . 7.91 8.77 -18.82
O3 NAJ E . 12.21 14.08 -13.18
PN NAJ E . 12.93 13.76 -11.76
O1N NAJ E . 13.59 15.00 -11.26
O2N NAJ E . 13.67 12.49 -11.88
O5D NAJ E . 11.61 13.63 -10.88
C5D NAJ E . 10.73 12.52 -11.19
C4D NAJ E . 9.41 12.71 -10.49
O4D NAJ E . 9.65 12.55 -9.05
C3D NAJ E . 8.74 14.10 -10.68
O3D NAJ E . 7.33 13.99 -10.61
C2D NAJ E . 9.13 14.83 -9.39
O2D NAJ E . 8.30 15.93 -9.08
C1D NAJ E . 9.10 13.65 -8.38
N1N NAJ E . 9.88 13.96 -7.11
C2N NAJ E . 9.35 13.43 -5.98
C3N NAJ E . 10.03 13.57 -4.72
C7N NAJ E . 9.61 12.90 -3.50
O7N NAJ E . 10.14 13.31 -2.43
N7N NAJ E . 8.69 11.88 -3.58
C4N NAJ E . 11.27 14.44 -4.68
C5N NAJ E . 11.89 14.58 -6.06
C6N NAJ E . 11.17 14.40 -7.16
N1 PYZ F . 11.23 17.16 -4.59
N2 PYZ F . 10.54 16.03 -4.41
C3 PYZ F . 9.32 16.21 -3.88
C4 PYZ F . 9.29 17.54 -3.72
I4 PYZ F . 7.59 18.49 -2.99
C5 PYZ F . 10.46 18.18 -4.12
C1 MPD G . 17.48 -12.33 -17.05
C2 MPD G . 17.01 -12.35 -18.50
O2 MPD G . 17.72 -13.43 -19.17
CM MPD G . 15.51 -12.64 -18.58
C3 MPD G . 17.28 -11.09 -19.31
C4 MPD G . 18.01 -9.85 -18.75
O4 MPD G . 18.55 -9.88 -17.43
C5 MPD G . 19.06 -9.32 -19.72
ZN ZN H . -15.70 -15.92 3.33
ZN ZN I . 0.38 -22.37 -5.38
PA NAJ J . -21.11 -8.62 7.29
O1A NAJ J . -22.12 -8.22 6.27
O2A NAJ J . -21.48 -9.50 8.43
O5B NAJ J . -20.44 -7.33 7.93
C5B NAJ J . -20.32 -6.05 7.28
C4B NAJ J . -20.63 -4.96 8.27
O4B NAJ J . -20.44 -3.69 7.58
C3B NAJ J . -22.07 -4.95 8.84
O3B NAJ J . -22.06 -5.06 10.26
C2B NAJ J . -22.65 -3.62 8.31
O2B NAJ J . -23.60 -2.98 9.12
C1B NAJ J . -21.40 -2.78 8.07
N9A NAJ J . -21.56 -1.68 7.15
C8A NAJ J . -22.29 -1.69 5.98
N7A NAJ J . -22.19 -0.53 5.36
C5A NAJ J . -21.39 0.28 6.14
C6A NAJ J . -20.94 1.63 6.01
N6A NAJ J . -21.28 2.47 5.06
N1A NAJ J . -20.15 2.05 7.03
C2A NAJ J . -19.79 1.27 8.08
N3A NAJ J . -20.19 0.01 8.27
C4A NAJ J . -20.99 -0.43 7.27
O3 NAJ J . -19.94 -9.26 6.46
PN NAJ J . -18.64 -10.17 6.79
O1N NAJ J . -18.98 -11.59 6.61
O2N NAJ J . -18.04 -9.71 8.08
O5D NAJ J . -17.74 -9.74 5.55
C5D NAJ J . -17.22 -8.38 5.50
C4D NAJ J . -16.65 -8.16 4.12
O4D NAJ J . -15.43 -8.93 3.96
C3D NAJ J . -17.61 -8.56 2.97
O3D NAJ J . -17.42 -7.68 1.87
C2D NAJ J . -17.03 -9.91 2.53
O2D NAJ J . -17.33 -10.27 1.21
C1D NAJ J . -15.53 -9.68 2.77
N1N NAJ J . -14.75 -10.90 2.89
C2N NAJ J . -13.44 -10.85 2.48
C3N NAJ J . -12.58 -12.01 2.62
C7N NAJ J . -11.16 -11.97 2.24
O7N NAJ J . -10.58 -13.03 2.16
N7N NAJ J . -10.57 -10.74 2.05
C4N NAJ J . -13.18 -13.33 3.12
C5N NAJ J . -14.38 -13.07 3.98
C6N NAJ J . -15.13 -11.98 3.82
N1 PYZ K . -14.68 -15.00 1.61
N2 PYZ K . -13.77 -14.04 1.64
C3 PYZ K . -13.23 -13.71 0.44
C4 PYZ K . -13.92 -14.60 -0.37
I4 PYZ K . -13.65 -14.67 -2.44
C5 PYZ K . -14.80 -15.39 0.31
#